data_7PSL
#
_entry.id   7PSL
#
_cell.length_a   1.00
_cell.length_b   1.00
_cell.length_c   1.00
_cell.angle_alpha   90.00
_cell.angle_beta   90.00
_cell.angle_gamma   90.00
#
_symmetry.space_group_name_H-M   'P 1'
#
loop_
_entity.id
_entity.type
_entity.pdbx_description
1 polymer 'Iron-sulfur clusters transporter ATM1, mitochondrial'
2 non-polymer '(1R)-2-{[(R)-(2-AMINOETHOXY)(HYDROXY)PHOSPHORYL]OXY}-1-[(DODECANOYLOXY)METHYL]ETHYL (9Z)-OCTADEC-9-ENOATE'
3 non-polymer 'PHOSPHATE ION'
#
_entity_poly.entity_id   1
_entity_poly.type   'polypeptide(L)'
_entity_poly.pdbx_seq_one_letter_code
;LKDLFRYIWPKGNNKVRIRVLIALGLLISAKILNVQVPFFFKQTIDSMNIAWDDPTVALPAAIGLTILCYGVARFGSVLF
GELRNAVFAKVAQNAIRTVSLQTFQHLMKLDLGWHLSRQTGGLTRAMDRGTKGISQVLTAMVFHIIPISFEISVVCGILT
YQFGASFAAITFSTMLLYSIFTIKTTAWRTHFRRDANKADNKAASVALDSLINFEAVKYFNNEKYLADKYNGSLMNYRDS
QIKVSQSLAFLNSGQNLIFTTALTAMMYMGCTGVIGGNLTVGDLVLINQLVFQLSVPLNFLGSVYRDLKQSLIDMETLFK
LRKNEVKIKNAERPLMLPENVPYDITFENVTFGYHPDRKILKNASFTIPAGWKTAIVGSSGSGKSTILKLVFRFYDPESG
RILINGRDIKEYDIDALRKVIGVVPQDTPLFNDTIWENVKFGRIDATDEEVITVVEKAQLAPLIKKLPQGFDTIVGERGL
MISGGEKQRLAIARVLLKNARIMFFDEATSALDTHTEQALLRTIRDNFTSGSRTSVYIAHRLRTIADADKIIVLDNGRVR
EEGKHLELLAMPGSLYRELWTIQEDLDHLENELKDQQELWSHPQFEK
;
_entity_poly.pdbx_strand_id   A,B
#
# COMPACT_ATOMS: atom_id res chain seq x y z
N LEU A 1 -1.13 14.68 25.57
CA LEU A 1 -2.46 14.11 25.70
C LEU A 1 -3.45 15.14 26.21
N LYS A 2 -2.94 16.20 26.84
CA LYS A 2 -3.82 17.23 27.39
C LYS A 2 -4.71 17.83 26.31
N ASP A 3 -4.11 18.22 25.18
CA ASP A 3 -4.90 18.77 24.09
C ASP A 3 -6.05 17.84 23.71
N LEU A 4 -5.84 16.53 23.83
CA LEU A 4 -6.92 15.60 23.57
C LEU A 4 -8.08 15.83 24.53
N PHE A 5 -7.80 15.83 25.83
CA PHE A 5 -8.83 16.16 26.80
C PHE A 5 -9.39 17.56 26.60
N ARG A 6 -8.73 18.39 25.80
CA ARG A 6 -9.30 19.68 25.42
C ARG A 6 -10.24 19.56 24.24
N TYR A 7 -10.04 18.57 23.37
CA TYR A 7 -10.93 18.38 22.23
C TYR A 7 -12.15 17.53 22.55
N ILE A 8 -12.18 16.88 23.70
CA ILE A 8 -13.34 16.10 24.13
C ILE A 8 -13.96 16.66 25.41
N TRP A 9 -13.53 17.83 25.83
CA TRP A 9 -14.08 18.50 27.01
C TRP A 9 -13.84 19.99 26.85
N PRO A 10 -14.33 20.60 25.78
CA PRO A 10 -14.01 21.99 25.49
C PRO A 10 -14.71 22.95 26.44
N LYS A 11 -14.37 24.22 26.29
CA LYS A 11 -14.95 25.31 27.08
C LYS A 11 -15.99 26.02 26.23
N GLY A 12 -17.27 25.76 26.52
CA GLY A 12 -18.35 26.42 25.81
C GLY A 12 -19.37 25.46 25.22
N ASN A 13 -18.91 24.33 24.67
CA ASN A 13 -19.81 23.36 24.07
C ASN A 13 -20.32 22.43 25.17
N ASN A 14 -21.61 22.53 25.47
CA ASN A 14 -22.20 21.66 26.49
C ASN A 14 -22.63 20.32 25.91
N LYS A 15 -22.93 20.27 24.61
CA LYS A 15 -23.35 19.02 24.00
C LYS A 15 -22.31 17.93 24.21
N VAL A 16 -21.03 18.26 24.01
CA VAL A 16 -19.98 17.25 24.10
C VAL A 16 -19.76 16.83 25.55
N ARG A 17 -19.73 17.79 26.47
CA ARG A 17 -19.60 17.45 27.88
C ARG A 17 -20.73 16.52 28.31
N ILE A 18 -21.94 16.77 27.81
CA ILE A 18 -23.08 15.97 28.22
C ILE A 18 -23.00 14.58 27.60
N ARG A 19 -22.62 14.50 26.32
CA ARG A 19 -22.42 13.20 25.70
C ARG A 19 -21.38 12.39 26.46
N VAL A 20 -20.33 13.05 26.94
CA VAL A 20 -19.28 12.34 27.65
C VAL A 20 -19.78 11.86 29.01
N LEU A 21 -20.49 12.72 29.74
CA LEU A 21 -21.06 12.30 31.01
C LEU A 21 -22.04 11.14 30.82
N ILE A 22 -22.75 11.13 29.70
CA ILE A 22 -23.68 10.02 29.44
C ILE A 22 -22.91 8.74 29.18
N ALA A 23 -21.85 8.81 28.37
CA ALA A 23 -20.99 7.64 28.20
C ALA A 23 -20.49 7.15 29.54
N LEU A 24 -20.12 8.06 30.43
CA LEU A 24 -19.63 7.69 31.74
C LEU A 24 -20.69 6.94 32.55
N GLY A 25 -21.90 7.50 32.59
CA GLY A 25 -22.98 6.84 33.31
C GLY A 25 -23.28 5.46 32.75
N LEU A 26 -23.27 5.33 31.42
CA LEU A 26 -23.54 4.04 30.81
C LEU A 26 -22.46 3.03 31.17
N LEU A 27 -21.20 3.45 31.10
CA LEU A 27 -20.09 2.58 31.51
C LEU A 27 -20.28 2.11 32.94
N ILE A 28 -20.53 3.04 33.85
CA ILE A 28 -20.68 2.70 35.27
C ILE A 28 -21.80 1.70 35.46
N SER A 29 -22.97 1.96 34.86
CA SER A 29 -24.10 1.06 35.04
C SER A 29 -23.83 -0.29 34.40
N ALA A 30 -23.13 -0.30 33.28
CA ALA A 30 -22.76 -1.56 32.65
C ALA A 30 -21.97 -2.43 33.60
N LYS A 31 -20.98 -1.84 34.26
CA LYS A 31 -20.16 -2.64 35.17
C LYS A 31 -20.94 -3.04 36.42
N ILE A 32 -21.78 -2.13 36.93
CA ILE A 32 -22.63 -2.47 38.06
C ILE A 32 -23.46 -3.71 37.75
N LEU A 33 -23.99 -3.78 36.53
CA LEU A 33 -24.83 -4.93 36.17
C LEU A 33 -23.99 -6.17 35.93
N ASN A 34 -22.89 -6.05 35.20
CA ASN A 34 -21.99 -7.17 34.98
C ASN A 34 -21.51 -7.77 36.29
N VAL A 35 -21.55 -6.99 37.37
CA VAL A 35 -21.17 -7.49 38.68
C VAL A 35 -22.36 -7.96 39.50
N GLN A 36 -23.56 -7.44 39.24
CA GLN A 36 -24.75 -7.88 39.96
C GLN A 36 -25.29 -9.19 39.44
N VAL A 37 -24.96 -9.56 38.20
CA VAL A 37 -25.44 -10.79 37.59
C VAL A 37 -25.18 -12.00 38.51
N PRO A 38 -23.93 -12.29 38.85
CA PRO A 38 -23.69 -13.43 39.75
C PRO A 38 -24.50 -13.42 41.03
N PHE A 39 -24.85 -12.26 41.57
CA PHE A 39 -25.63 -12.24 42.80
C PHE A 39 -27.03 -12.80 42.56
N PHE A 40 -27.60 -12.51 41.39
CA PHE A 40 -28.88 -13.12 41.05
C PHE A 40 -28.73 -14.61 40.82
N PHE A 41 -27.65 -15.02 40.16
CA PHE A 41 -27.42 -16.44 39.97
C PHE A 41 -27.31 -17.16 41.32
N LYS A 42 -26.63 -16.53 42.28
CA LYS A 42 -26.48 -17.14 43.59
C LYS A 42 -27.78 -17.17 44.37
N GLN A 43 -28.57 -16.09 44.30
CA GLN A 43 -29.87 -16.09 44.95
C GLN A 43 -30.75 -17.19 44.37
N THR A 44 -30.66 -17.41 43.06
CA THR A 44 -31.33 -18.55 42.45
C THR A 44 -30.87 -19.86 43.09
N ILE A 45 -29.57 -20.13 43.03
CA ILE A 45 -29.05 -21.41 43.50
C ILE A 45 -29.38 -21.64 44.96
N ASP A 46 -29.42 -20.57 45.76
CA ASP A 46 -29.70 -20.70 47.18
C ASP A 46 -31.18 -20.66 47.51
N SER A 47 -32.03 -20.33 46.54
CA SER A 47 -33.46 -20.45 46.72
C SER A 47 -34.02 -21.76 46.19
N MET A 48 -33.28 -22.43 45.30
CA MET A 48 -33.69 -23.74 44.81
C MET A 48 -33.20 -24.86 45.71
N ASN A 49 -32.22 -24.59 46.57
CA ASN A 49 -31.65 -25.60 47.45
C ASN A 49 -32.54 -25.81 48.68
N ILE A 50 -33.79 -26.20 48.41
CA ILE A 50 -34.76 -26.50 49.44
C ILE A 50 -35.21 -27.94 49.24
N ALA A 51 -35.93 -28.46 50.25
CA ALA A 51 -36.53 -29.78 50.17
C ALA A 51 -37.94 -29.63 49.60
N TRP A 52 -38.09 -29.82 48.30
CA TRP A 52 -39.39 -29.74 47.67
C TRP A 52 -40.20 -30.99 47.99
N ASP A 53 -41.38 -30.79 48.58
CA ASP A 53 -42.23 -31.90 49.00
C ASP A 53 -43.21 -32.31 47.91
N ASP A 54 -43.81 -31.34 47.21
CA ASP A 54 -44.79 -31.62 46.17
C ASP A 54 -44.15 -31.42 44.80
N PRO A 55 -43.78 -32.48 44.09
CA PRO A 55 -43.12 -32.30 42.80
C PRO A 55 -44.10 -32.07 41.65
N THR A 56 -45.12 -31.24 41.89
CA THR A 56 -46.04 -30.84 40.83
C THR A 56 -46.40 -29.36 40.91
N VAL A 57 -45.79 -28.61 41.81
CA VAL A 57 -46.09 -27.20 41.96
C VAL A 57 -45.35 -26.41 40.88
N ALA A 58 -45.74 -25.16 40.72
CA ALA A 58 -45.13 -24.28 39.74
C ALA A 58 -43.97 -23.53 40.36
N LEU A 59 -43.17 -22.91 39.51
CA LEU A 59 -42.04 -22.12 39.96
C LEU A 59 -42.54 -20.87 40.66
N PRO A 60 -42.29 -20.70 41.96
CA PRO A 60 -42.72 -19.48 42.63
C PRO A 60 -42.20 -18.24 41.94
N ALA A 61 -42.88 -17.12 42.18
CA ALA A 61 -42.51 -15.87 41.52
C ALA A 61 -41.26 -15.26 42.12
N ALA A 62 -41.02 -15.48 43.40
CA ALA A 62 -39.82 -14.94 44.05
C ALA A 62 -38.54 -15.42 43.35
N ILE A 63 -38.62 -16.45 42.52
CA ILE A 63 -37.46 -17.01 41.85
C ILE A 63 -37.53 -16.66 40.37
N GLY A 64 -38.74 -16.62 39.82
CA GLY A 64 -38.89 -16.16 38.45
C GLY A 64 -38.40 -14.74 38.27
N LEU A 65 -38.73 -13.87 39.23
CA LEU A 65 -38.22 -12.51 39.19
C LEU A 65 -36.70 -12.48 39.24
N THR A 66 -36.11 -13.36 40.04
CA THR A 66 -34.66 -13.41 40.14
C THR A 66 -34.03 -13.83 38.83
N ILE A 67 -34.59 -14.87 38.20
CA ILE A 67 -34.07 -15.33 36.92
C ILE A 67 -34.20 -14.24 35.87
N LEU A 68 -35.36 -13.59 35.83
CA LEU A 68 -35.56 -12.51 34.87
C LEU A 68 -34.58 -11.38 35.10
N CYS A 69 -34.32 -11.04 36.36
CA CYS A 69 -33.34 -10.01 36.67
C CYS A 69 -31.95 -10.43 36.20
N TYR A 70 -31.62 -11.71 36.36
CA TYR A 70 -30.34 -12.22 35.89
C TYR A 70 -30.20 -12.01 34.39
N GLY A 71 -31.23 -12.39 33.64
CA GLY A 71 -31.18 -12.24 32.19
C GLY A 71 -31.08 -10.80 31.76
N VAL A 72 -31.95 -9.94 32.31
CA VAL A 72 -31.94 -8.54 31.91
C VAL A 72 -30.65 -7.88 32.36
N ALA A 73 -30.01 -8.38 33.41
CA ALA A 73 -28.74 -7.80 33.84
C ALA A 73 -27.63 -8.14 32.87
N ARG A 74 -27.53 -9.41 32.46
CA ARG A 74 -26.60 -9.74 31.39
C ARG A 74 -26.80 -8.83 30.19
N PHE A 75 -28.02 -8.85 29.66
CA PHE A 75 -28.31 -8.09 28.46
C PHE A 75 -28.02 -6.62 28.65
N GLY A 76 -28.35 -6.08 29.82
CA GLY A 76 -28.17 -4.66 30.05
C GLY A 76 -26.72 -4.27 30.19
N SER A 77 -25.92 -5.13 30.82
CA SER A 77 -24.48 -4.87 30.87
C SER A 77 -23.91 -4.74 29.48
N VAL A 78 -24.14 -5.77 28.65
CA VAL A 78 -23.56 -5.72 27.31
C VAL A 78 -24.14 -4.55 26.51
N LEU A 79 -25.43 -4.27 26.71
CA LEU A 79 -26.10 -3.22 25.95
C LEU A 79 -25.54 -1.86 26.30
N PHE A 80 -25.37 -1.59 27.59
CA PHE A 80 -24.80 -0.31 28.02
C PHE A 80 -23.37 -0.18 27.54
N GLY A 81 -22.61 -1.28 27.53
CA GLY A 81 -21.28 -1.22 26.95
C GLY A 81 -21.32 -0.77 25.51
N GLU A 82 -22.18 -1.39 24.71
CA GLU A 82 -22.23 -1.06 23.29
C GLU A 82 -22.78 0.34 23.05
N LEU A 83 -23.71 0.78 23.89
CA LEU A 83 -24.23 2.14 23.77
C LEU A 83 -23.16 3.17 24.09
N ARG A 84 -22.36 2.90 25.12
CA ARG A 84 -21.21 3.75 25.40
C ARG A 84 -20.28 3.80 24.20
N ASN A 85 -20.04 2.66 23.56
CA ASN A 85 -19.21 2.65 22.37
C ASN A 85 -19.79 3.58 21.30
N ALA A 86 -21.08 3.41 20.99
CA ALA A 86 -21.71 4.24 19.97
C ALA A 86 -21.57 5.73 20.29
N VAL A 87 -21.92 6.10 21.52
CA VAL A 87 -21.93 7.51 21.89
C VAL A 87 -20.52 8.09 21.81
N PHE A 88 -19.56 7.45 22.48
CA PHE A 88 -18.23 8.00 22.45
C PHE A 88 -17.62 7.94 21.06
N ALA A 89 -18.15 7.12 20.16
CA ALA A 89 -17.75 7.23 18.76
C ALA A 89 -18.30 8.52 18.16
N LYS A 90 -19.58 8.80 18.41
CA LYS A 90 -20.17 10.06 17.98
C LYS A 90 -19.33 11.24 18.44
N VAL A 91 -18.61 11.09 19.54
CA VAL A 91 -17.77 12.18 20.05
C VAL A 91 -16.38 12.17 19.42
N ALA A 92 -15.71 11.02 19.44
CA ALA A 92 -14.35 10.93 18.94
C ALA A 92 -14.27 11.30 17.48
N GLN A 93 -15.29 10.96 16.69
CA GLN A 93 -15.24 11.29 15.27
C GLN A 93 -15.38 12.79 15.05
N ASN A 94 -16.22 13.46 15.84
CA ASN A 94 -16.27 14.91 15.79
C ASN A 94 -14.92 15.51 16.12
N ALA A 95 -14.26 14.98 17.15
CA ALA A 95 -12.94 15.50 17.52
C ALA A 95 -11.94 15.31 16.39
N ILE A 96 -11.92 14.12 15.79
CA ILE A 96 -11.02 13.84 14.69
C ILE A 96 -11.27 14.81 13.54
N ARG A 97 -12.53 14.93 13.12
CA ARG A 97 -12.88 15.87 12.06
C ARG A 97 -12.34 17.26 12.37
N THR A 98 -12.59 17.73 13.60
CA THR A 98 -12.22 19.10 13.94
C THR A 98 -10.71 19.29 13.88
N VAL A 99 -9.95 18.34 14.44
CA VAL A 99 -8.51 18.52 14.49
C VAL A 99 -7.92 18.42 13.09
N SER A 100 -8.37 17.45 12.29
CA SER A 100 -7.85 17.34 10.93
C SER A 100 -8.14 18.59 10.13
N LEU A 101 -9.35 19.13 10.25
CA LEU A 101 -9.70 20.31 9.48
C LEU A 101 -8.91 21.52 9.94
N GLN A 102 -8.72 21.69 11.26
CA GLN A 102 -7.93 22.82 11.74
C GLN A 102 -6.49 22.72 11.27
N THR A 103 -5.92 21.51 11.31
CA THR A 103 -4.57 21.31 10.82
C THR A 103 -4.47 21.69 9.34
N PHE A 104 -5.36 21.14 8.51
CA PHE A 104 -5.33 21.45 7.09
C PHE A 104 -5.56 22.93 6.82
N GLN A 105 -6.34 23.60 7.68
CA GLN A 105 -6.52 25.04 7.53
C GLN A 105 -5.24 25.78 7.87
N HIS A 106 -4.45 25.22 8.78
CA HIS A 106 -3.16 25.83 9.09
C HIS A 106 -2.17 25.66 7.95
N LEU A 107 -1.97 24.42 7.50
CA LEU A 107 -1.01 24.17 6.44
C LEU A 107 -1.23 25.09 5.25
N MET A 108 -2.48 25.31 4.87
CA MET A 108 -2.80 26.26 3.81
C MET A 108 -2.49 27.69 4.20
N LYS A 109 -1.97 27.92 5.40
CA LYS A 109 -1.65 29.25 5.88
C LYS A 109 -0.18 29.46 6.19
N LEU A 110 0.60 28.40 6.31
CA LEU A 110 2.02 28.53 6.59
C LEU A 110 2.72 29.21 5.42
N ASP A 111 4.00 29.54 5.65
CA ASP A 111 4.83 30.06 4.58
C ASP A 111 5.13 28.95 3.58
N LEU A 112 5.90 29.30 2.55
CA LEU A 112 6.25 28.31 1.53
C LEU A 112 7.48 27.51 1.92
N GLY A 113 8.49 28.17 2.48
CA GLY A 113 9.70 27.46 2.87
C GLY A 113 9.39 26.23 3.70
N TRP A 114 8.43 26.35 4.63
CA TRP A 114 8.10 25.22 5.48
C TRP A 114 7.50 24.07 4.68
N HIS A 115 6.95 24.36 3.50
CA HIS A 115 6.42 23.31 2.65
C HIS A 115 7.47 22.73 1.71
N LEU A 116 8.39 23.57 1.24
CA LEU A 116 9.43 23.09 0.33
C LEU A 116 10.47 22.28 1.06
N SER A 117 10.79 22.66 2.30
CA SER A 117 11.73 21.87 3.10
C SER A 117 11.14 20.50 3.40
N ARG A 118 9.93 20.45 3.93
CA ARG A 118 9.32 19.20 4.33
C ARG A 118 8.70 18.48 3.14
N GLN A 119 8.46 17.19 3.33
CA GLN A 119 7.89 16.33 2.31
C GLN A 119 6.38 16.19 2.51
N THR A 120 5.67 16.05 1.39
CA THR A 120 4.21 16.00 1.45
C THR A 120 3.71 14.63 1.89
N GLY A 121 4.27 13.55 1.34
CA GLY A 121 3.94 12.23 1.83
C GLY A 121 4.10 12.13 3.32
N GLY A 122 5.14 12.76 3.86
CA GLY A 122 5.32 12.76 5.30
C GLY A 122 4.19 13.46 6.03
N LEU A 123 3.75 14.61 5.52
CA LEU A 123 2.66 15.33 6.17
C LEU A 123 1.38 14.53 6.15
N THR A 124 1.07 13.90 5.00
CA THR A 124 -0.17 13.12 4.91
C THR A 124 -0.10 11.90 5.81
N ARG A 125 1.04 11.20 5.82
CA ARG A 125 1.20 10.07 6.72
C ARG A 125 1.06 10.52 8.17
N ALA A 126 1.60 11.68 8.50
CA ALA A 126 1.48 12.19 9.86
C ALA A 126 0.03 12.44 10.23
N MET A 127 -0.73 13.10 9.34
CA MET A 127 -2.13 13.34 9.63
C MET A 127 -2.89 12.05 9.82
N ASP A 128 -2.71 11.10 8.90
CA ASP A 128 -3.44 9.83 9.00
C ASP A 128 -3.07 9.09 10.28
N ARG A 129 -1.77 9.02 10.59
CA ARG A 129 -1.34 8.28 11.76
C ARG A 129 -1.81 8.95 13.05
N GLY A 130 -1.73 10.27 13.12
CA GLY A 130 -2.22 10.96 14.30
C GLY A 130 -3.71 10.80 14.49
N THR A 131 -4.47 10.76 13.39
CA THR A 131 -5.90 10.56 13.49
C THR A 131 -6.23 9.17 14.00
N LYS A 132 -5.66 8.15 13.35
CA LYS A 132 -5.84 6.79 13.86
C LYS A 132 -5.37 6.67 15.30
N GLY A 133 -4.36 7.44 15.68
CA GLY A 133 -3.87 7.38 17.05
C GLY A 133 -4.84 7.99 18.04
N ILE A 134 -5.44 9.12 17.68
CA ILE A 134 -6.50 9.68 18.52
C ILE A 134 -7.62 8.68 18.70
N SER A 135 -8.06 8.07 17.60
CA SER A 135 -9.13 7.10 17.67
C SER A 135 -8.76 5.95 18.60
N GLN A 136 -7.58 5.37 18.40
CA GLN A 136 -7.16 4.22 19.18
C GLN A 136 -6.95 4.58 20.65
N VAL A 137 -6.46 5.79 20.91
CA VAL A 137 -6.23 6.19 22.30
C VAL A 137 -7.54 6.35 23.02
N LEU A 138 -8.50 7.08 22.43
CA LEU A 138 -9.80 7.20 23.06
C LEU A 138 -10.45 5.84 23.25
N THR A 139 -10.37 4.98 22.24
CA THR A 139 -10.87 3.62 22.35
C THR A 139 -10.27 2.92 23.57
N ALA A 140 -8.96 2.76 23.58
CA ALA A 140 -8.27 2.01 24.62
C ALA A 140 -8.35 2.66 25.99
N MET A 141 -8.70 3.93 26.08
CA MET A 141 -8.78 4.62 27.35
C MET A 141 -10.21 4.78 27.85
N VAL A 142 -11.21 4.41 27.04
CA VAL A 142 -12.59 4.46 27.50
C VAL A 142 -13.25 3.09 27.39
N PHE A 143 -12.74 2.25 26.50
CA PHE A 143 -13.36 0.96 26.25
C PHE A 143 -12.66 -0.20 26.96
N HIS A 144 -11.40 -0.06 27.28
CA HIS A 144 -10.60 -1.21 27.72
C HIS A 144 -9.89 -0.99 29.05
N ILE A 145 -9.55 0.26 29.38
CA ILE A 145 -8.73 0.53 30.56
C ILE A 145 -9.59 1.03 31.70
N ILE A 146 -10.29 2.16 31.50
CA ILE A 146 -11.15 2.68 32.55
C ILE A 146 -12.20 1.67 32.97
N PRO A 147 -12.90 0.99 32.06
CA PRO A 147 -13.92 0.04 32.50
C PRO A 147 -13.35 -1.12 33.30
N ILE A 148 -12.27 -1.72 32.82
CA ILE A 148 -11.71 -2.87 33.54
C ILE A 148 -11.12 -2.43 34.87
N SER A 149 -10.61 -1.20 34.97
CA SER A 149 -10.12 -0.71 36.24
C SER A 149 -11.27 -0.54 37.23
N PHE A 150 -12.35 0.08 36.79
CA PHE A 150 -13.53 0.20 37.64
C PHE A 150 -14.02 -1.18 38.07
N GLU A 151 -14.00 -2.14 37.16
CA GLU A 151 -14.50 -3.48 37.47
C GLU A 151 -13.59 -4.19 38.47
N ILE A 152 -12.27 -4.05 38.30
CA ILE A 152 -11.34 -4.65 39.25
C ILE A 152 -11.54 -4.07 40.63
N SER A 153 -11.72 -2.75 40.70
CA SER A 153 -11.95 -2.12 42.00
C SER A 153 -13.24 -2.64 42.63
N VAL A 154 -14.31 -2.70 41.85
CA VAL A 154 -15.59 -3.18 42.36
C VAL A 154 -15.46 -4.63 42.83
N VAL A 155 -14.76 -5.45 42.06
CA VAL A 155 -14.60 -6.86 42.41
C VAL A 155 -13.83 -7.01 43.71
N CYS A 156 -12.71 -6.29 43.82
CA CYS A 156 -11.93 -6.36 45.06
C CYS A 156 -12.75 -5.91 46.25
N GLY A 157 -13.55 -4.86 46.07
CA GLY A 157 -14.40 -4.40 47.16
C GLY A 157 -15.44 -5.43 47.54
N ILE A 158 -16.06 -6.06 46.54
CA ILE A 158 -17.07 -7.08 46.80
C ILE A 158 -16.46 -8.23 47.58
N LEU A 159 -15.35 -8.77 47.07
CA LEU A 159 -14.74 -9.93 47.69
C LEU A 159 -14.11 -9.59 49.03
N THR A 160 -13.83 -8.32 49.29
CA THR A 160 -13.29 -7.93 50.59
C THR A 160 -14.39 -7.75 51.61
N TYR A 161 -15.55 -7.21 51.20
CA TYR A 161 -16.64 -7.01 52.14
C TYR A 161 -17.36 -8.32 52.43
N GLN A 162 -17.79 -9.03 51.38
CA GLN A 162 -18.61 -10.22 51.59
C GLN A 162 -17.85 -11.30 52.35
N PHE A 163 -16.66 -11.67 51.86
CA PHE A 163 -15.96 -12.86 52.33
C PHE A 163 -14.69 -12.54 53.10
N GLY A 164 -13.76 -11.82 52.48
CA GLY A 164 -12.50 -11.53 53.15
C GLY A 164 -11.50 -10.95 52.18
N ALA A 165 -10.35 -10.58 52.74
CA ALA A 165 -9.32 -9.91 51.96
C ALA A 165 -8.45 -10.89 51.17
N SER A 166 -8.43 -12.17 51.55
CA SER A 166 -7.62 -13.14 50.83
C SER A 166 -7.99 -13.19 49.36
N PHE A 167 -9.29 -13.17 49.06
CA PHE A 167 -9.74 -13.26 47.68
C PHE A 167 -9.33 -12.03 46.89
N ALA A 168 -9.45 -10.85 47.49
CA ALA A 168 -9.02 -9.63 46.81
C ALA A 168 -7.52 -9.67 46.54
N ALA A 169 -6.74 -10.12 47.51
CA ALA A 169 -5.30 -10.26 47.31
C ALA A 169 -5.01 -11.16 46.14
N ILE A 170 -5.63 -12.35 46.12
CA ILE A 170 -5.37 -13.30 45.04
C ILE A 170 -5.76 -12.70 43.70
N THR A 171 -6.90 -11.99 43.66
CA THR A 171 -7.39 -11.47 42.39
C THR A 171 -6.48 -10.36 41.86
N PHE A 172 -6.09 -9.42 42.73
CA PHE A 172 -5.21 -8.34 42.29
C PHE A 172 -3.84 -8.88 41.89
N SER A 173 -3.31 -9.85 42.63
CA SER A 173 -2.05 -10.46 42.25
C SER A 173 -2.15 -11.14 40.90
N THR A 174 -3.25 -11.86 40.68
CA THR A 174 -3.50 -12.51 39.39
C THR A 174 -3.54 -11.49 38.27
N MET A 175 -4.17 -10.35 38.53
CA MET A 175 -4.26 -9.32 37.50
C MET A 175 -2.89 -8.75 37.17
N LEU A 176 -2.08 -8.48 38.19
CA LEU A 176 -0.71 -8.03 37.96
C LEU A 176 0.06 -9.03 37.10
N LEU A 177 0.05 -10.30 37.51
CA LEU A 177 0.77 -11.33 36.78
C LEU A 177 0.30 -11.39 35.33
N TYR A 178 -1.01 -11.48 35.13
CA TYR A 178 -1.57 -11.54 33.78
C TYR A 178 -1.09 -10.37 32.95
N SER A 179 -1.16 -9.16 33.51
CA SER A 179 -0.81 -7.97 32.76
C SER A 179 0.65 -8.02 32.31
N ILE A 180 1.57 -8.20 33.25
CA ILE A 180 2.99 -8.13 32.89
C ILE A 180 3.35 -9.26 31.94
N PHE A 181 2.82 -10.46 32.20
CA PHE A 181 3.05 -11.59 31.31
C PHE A 181 2.61 -11.26 29.88
N THR A 182 1.38 -10.76 29.74
CA THR A 182 0.87 -10.44 28.42
C THR A 182 1.73 -9.41 27.73
N ILE A 183 2.12 -8.36 28.45
CA ILE A 183 2.94 -7.30 27.85
C ILE A 183 4.22 -7.89 27.28
N LYS A 184 4.98 -8.60 28.12
CA LYS A 184 6.29 -9.09 27.68
C LYS A 184 6.14 -10.08 26.52
N THR A 185 5.22 -11.04 26.66
CA THR A 185 5.04 -12.01 25.60
C THR A 185 4.58 -11.35 24.31
N THR A 186 3.87 -10.23 24.41
CA THR A 186 3.44 -9.55 23.20
C THR A 186 4.62 -8.85 22.52
N ALA A 187 5.54 -8.30 23.31
CA ALA A 187 6.77 -7.79 22.71
C ALA A 187 7.49 -8.88 21.93
N TRP A 188 7.66 -10.03 22.57
CA TRP A 188 8.23 -11.21 21.92
C TRP A 188 7.55 -11.50 20.58
N ARG A 189 6.24 -11.71 20.62
CA ARG A 189 5.50 -12.03 19.40
C ARG A 189 5.64 -10.94 18.36
N THR A 190 5.80 -9.68 18.79
CA THR A 190 5.96 -8.60 17.84
C THR A 190 7.29 -8.71 17.11
N HIS A 191 8.34 -9.07 17.83
CA HIS A 191 9.61 -9.36 17.17
C HIS A 191 9.42 -10.41 16.08
N PHE A 192 8.70 -11.48 16.41
CA PHE A 192 8.51 -12.55 15.43
C PHE A 192 7.71 -12.07 14.23
N ARG A 193 6.64 -11.31 14.47
CA ARG A 193 5.83 -10.78 13.37
C ARG A 193 6.66 -9.89 12.46
N ARG A 194 7.53 -9.06 13.05
CA ARG A 194 8.41 -8.23 12.26
C ARG A 194 9.27 -9.08 11.32
N ASP A 195 9.91 -10.10 11.88
CA ASP A 195 10.74 -10.97 11.04
C ASP A 195 9.93 -11.58 9.90
N ALA A 196 8.71 -12.02 10.20
CA ALA A 196 7.89 -12.66 9.17
C ALA A 196 7.54 -11.70 8.05
N ASN A 197 7.10 -10.49 8.41
CA ASN A 197 6.76 -9.51 7.39
C ASN A 197 7.96 -9.17 6.53
N LYS A 198 9.14 -9.04 7.15
CA LYS A 198 10.36 -8.79 6.38
C LYS A 198 10.57 -9.89 5.35
N ALA A 199 10.56 -11.14 5.81
CA ALA A 199 10.88 -12.25 4.91
C ALA A 199 9.77 -12.52 3.89
N ASP A 200 8.58 -11.98 4.10
CA ASP A 200 7.55 -12.10 3.07
C ASP A 200 7.69 -11.01 2.01
N ASN A 201 7.94 -9.77 2.44
CA ASN A 201 8.20 -8.71 1.48
C ASN A 201 9.39 -9.05 0.61
N LYS A 202 10.40 -9.70 1.19
CA LYS A 202 11.57 -10.12 0.41
C LYS A 202 11.17 -11.06 -0.71
N ALA A 203 10.39 -12.10 -0.38
CA ALA A 203 9.99 -13.07 -1.38
C ALA A 203 9.12 -12.43 -2.45
N ALA A 204 8.23 -11.52 -2.06
CA ALA A 204 7.41 -10.84 -3.05
C ALA A 204 8.28 -10.01 -3.99
N SER A 205 9.27 -9.30 -3.45
CA SER A 205 10.17 -8.54 -4.28
C SER A 205 10.90 -9.44 -5.26
N VAL A 206 11.30 -10.64 -4.82
CA VAL A 206 12.00 -11.55 -5.71
C VAL A 206 11.07 -12.01 -6.83
N ALA A 207 9.85 -12.40 -6.48
CA ALA A 207 8.90 -12.84 -7.50
C ALA A 207 8.68 -11.74 -8.53
N LEU A 208 8.50 -10.51 -8.07
CA LEU A 208 8.35 -9.39 -9.00
C LEU A 208 9.57 -9.28 -9.89
N ASP A 209 10.74 -9.05 -9.30
CA ASP A 209 11.96 -8.86 -10.06
C ASP A 209 12.22 -10.00 -11.03
N SER A 210 11.64 -11.18 -10.79
CA SER A 210 11.85 -12.31 -11.68
C SER A 210 10.80 -12.41 -12.77
N LEU A 211 9.57 -12.01 -12.51
CA LEU A 211 8.53 -12.06 -13.53
C LEU A 211 8.58 -10.87 -14.49
N ILE A 212 8.94 -9.69 -13.98
CA ILE A 212 9.09 -8.53 -14.84
C ILE A 212 10.18 -8.77 -15.88
N ASN A 213 11.32 -9.31 -15.43
CA ASN A 213 12.48 -9.55 -16.29
C ASN A 213 12.56 -10.99 -16.74
N PHE A 214 11.41 -11.62 -17.01
CA PHE A 214 11.40 -13.02 -17.41
C PHE A 214 12.32 -13.27 -18.59
N GLU A 215 12.32 -12.36 -19.56
CA GLU A 215 13.17 -12.53 -20.74
C GLU A 215 14.62 -12.74 -20.32
N ALA A 216 15.15 -11.86 -19.47
CA ALA A 216 16.52 -11.99 -19.03
C ALA A 216 16.70 -13.16 -18.07
N VAL A 217 15.67 -13.53 -17.33
CA VAL A 217 15.75 -14.72 -16.49
C VAL A 217 15.97 -15.95 -17.36
N LYS A 218 15.45 -15.94 -18.58
CA LYS A 218 15.57 -17.10 -19.46
C LYS A 218 16.72 -16.98 -20.43
N TYR A 219 17.14 -15.76 -20.76
CA TYR A 219 18.25 -15.59 -21.69
C TYR A 219 19.54 -16.17 -21.13
N PHE A 220 19.60 -16.42 -19.83
CA PHE A 220 20.79 -16.93 -19.17
C PHE A 220 20.56 -18.28 -18.48
N ASN A 221 19.36 -18.84 -18.60
CA ASN A 221 18.98 -20.11 -17.98
C ASN A 221 18.89 -20.02 -16.47
N ASN A 222 19.01 -18.83 -15.90
CA ASN A 222 18.99 -18.65 -14.45
C ASN A 222 17.56 -18.58 -13.92
N GLU A 223 16.90 -19.73 -13.93
CA GLU A 223 15.60 -19.89 -13.29
C GLU A 223 15.67 -20.75 -12.04
N LYS A 224 16.59 -21.72 -12.00
CA LYS A 224 16.76 -22.53 -10.80
C LYS A 224 17.32 -21.70 -9.65
N TYR A 225 18.31 -20.85 -9.94
CA TYR A 225 18.82 -19.94 -8.92
C TYR A 225 17.70 -19.09 -8.33
N LEU A 226 16.79 -18.61 -9.19
CA LEU A 226 15.69 -17.80 -8.71
C LEU A 226 14.74 -18.62 -7.86
N ALA A 227 14.38 -19.82 -8.31
CA ALA A 227 13.53 -20.69 -7.51
C ALA A 227 14.18 -20.98 -6.16
N ASP A 228 15.50 -21.08 -6.12
CA ASP A 228 16.18 -21.40 -4.86
C ASP A 228 16.21 -20.21 -3.92
N LYS A 229 16.46 -19.00 -4.45
CA LYS A 229 16.32 -17.81 -3.62
C LYS A 229 14.90 -17.71 -3.06
N TYR A 230 13.91 -17.98 -3.89
CA TYR A 230 12.52 -17.93 -3.44
C TYR A 230 12.28 -18.98 -2.36
N ASN A 231 12.82 -20.18 -2.53
CA ASN A 231 12.65 -21.23 -1.54
C ASN A 231 13.29 -20.84 -0.22
N GLY A 232 14.46 -20.22 -0.26
CA GLY A 232 15.10 -19.78 0.97
C GLY A 232 14.28 -18.74 1.70
N SER A 233 13.83 -17.73 0.97
CA SER A 233 13.02 -16.69 1.60
C SER A 233 11.72 -17.28 2.14
N LEU A 234 11.11 -18.20 1.40
CA LEU A 234 9.86 -18.81 1.85
C LEU A 234 10.08 -19.67 3.08
N MET A 235 11.23 -20.34 3.16
CA MET A 235 11.54 -21.13 4.34
C MET A 235 11.73 -20.25 5.56
N ASN A 236 12.40 -19.12 5.39
CA ASN A 236 12.52 -18.17 6.50
C ASN A 236 11.15 -17.69 6.96
N TYR A 237 10.29 -17.34 6.01
CA TYR A 237 8.94 -16.90 6.36
C TYR A 237 8.16 -18.00 7.05
N ARG A 238 8.29 -19.23 6.56
CA ARG A 238 7.64 -20.37 7.19
C ARG A 238 8.06 -20.51 8.64
N ASP A 239 9.37 -20.59 8.89
CA ASP A 239 9.85 -20.74 10.25
C ASP A 239 9.38 -19.58 11.14
N SER A 240 9.38 -18.36 10.59
CA SER A 240 8.95 -17.22 11.39
C SER A 240 7.48 -17.35 11.78
N GLN A 241 6.63 -17.79 10.86
CA GLN A 241 5.22 -17.95 11.21
C GLN A 241 5.00 -19.11 12.16
N ILE A 242 5.78 -20.18 12.00
CA ILE A 242 5.78 -21.26 12.98
C ILE A 242 6.01 -20.69 14.37
N LYS A 243 7.05 -19.88 14.51
CA LYS A 243 7.38 -19.36 15.82
C LYS A 243 6.32 -18.38 16.31
N VAL A 244 5.70 -17.63 15.40
CA VAL A 244 4.61 -16.74 15.80
C VAL A 244 3.47 -17.55 16.40
N SER A 245 3.09 -18.63 15.73
CA SER A 245 1.98 -19.45 16.21
C SER A 245 2.32 -20.11 17.54
N GLN A 246 3.53 -20.67 17.66
CA GLN A 246 3.93 -21.26 18.93
C GLN A 246 3.93 -20.24 20.05
N SER A 247 4.35 -19.01 19.76
CA SER A 247 4.38 -17.97 20.78
C SER A 247 2.97 -17.57 21.19
N LEU A 248 2.06 -17.46 20.22
CA LEU A 248 0.67 -17.15 20.55
C LEU A 248 0.06 -18.27 21.40
N ALA A 249 0.41 -19.51 21.10
CA ALA A 249 -0.01 -20.63 21.94
C ALA A 249 0.49 -20.46 23.36
N PHE A 250 1.78 -20.19 23.51
CA PHE A 250 2.36 -19.97 24.82
C PHE A 250 1.61 -18.85 25.56
N LEU A 251 1.31 -17.77 24.85
CA LEU A 251 0.65 -16.63 25.46
C LEU A 251 -0.71 -17.01 26.01
N ASN A 252 -1.59 -17.52 25.13
CA ASN A 252 -2.94 -17.85 25.56
C ASN A 252 -2.93 -18.91 26.65
N SER A 253 -2.05 -19.90 26.52
CA SER A 253 -1.99 -20.96 27.51
C SER A 253 -1.56 -20.42 28.87
N GLY A 254 -0.58 -19.52 28.90
CA GLY A 254 -0.15 -18.95 30.16
C GLY A 254 -1.22 -18.09 30.80
N GLN A 255 -1.94 -17.31 29.98
CA GLN A 255 -3.02 -16.49 30.52
C GLN A 255 -4.10 -17.37 31.15
N ASN A 256 -4.51 -18.42 30.44
CA ASN A 256 -5.53 -19.31 30.98
C ASN A 256 -5.01 -20.05 32.19
N LEU A 257 -3.72 -20.37 32.24
CA LEU A 257 -3.15 -21.01 33.42
C LEU A 257 -3.23 -20.09 34.63
N ILE A 258 -2.91 -18.83 34.44
CA ILE A 258 -3.00 -17.86 35.53
C ILE A 258 -4.43 -17.81 36.06
N PHE A 259 -5.38 -17.53 35.17
CA PHE A 259 -6.76 -17.40 35.66
C PHE A 259 -7.29 -18.71 36.20
N THR A 260 -6.84 -19.84 35.68
CA THR A 260 -7.26 -21.13 36.20
C THR A 260 -6.74 -21.35 37.61
N THR A 261 -5.49 -20.98 37.86
CA THR A 261 -4.95 -21.09 39.21
C THR A 261 -5.73 -20.19 40.16
N ALA A 262 -6.05 -18.98 39.72
CA ALA A 262 -6.85 -18.09 40.55
C ALA A 262 -8.20 -18.72 40.90
N LEU A 263 -8.92 -19.18 39.88
CA LEU A 263 -10.25 -19.75 40.10
C LEU A 263 -10.19 -20.98 40.99
N THR A 264 -9.20 -21.85 40.77
CA THR A 264 -9.10 -23.07 41.56
C THR A 264 -8.73 -22.78 43.00
N ALA A 265 -7.80 -21.85 43.22
CA ALA A 265 -7.44 -21.49 44.58
C ALA A 265 -8.61 -20.84 45.30
N MET A 266 -9.41 -20.06 44.57
CA MET A 266 -10.57 -19.43 45.19
C MET A 266 -11.65 -20.46 45.49
N MET A 267 -11.78 -21.48 44.63
CA MET A 267 -12.71 -22.56 44.94
C MET A 267 -12.28 -23.31 46.18
N TYR A 268 -10.96 -23.51 46.35
CA TYR A 268 -10.48 -24.18 47.56
C TYR A 268 -10.73 -23.32 48.80
N MET A 269 -10.45 -22.01 48.70
CA MET A 269 -10.70 -21.13 49.83
C MET A 269 -12.19 -21.11 50.18
N GLY A 270 -13.06 -21.01 49.18
CA GLY A 270 -14.48 -21.04 49.44
C GLY A 270 -14.96 -22.35 50.00
N CYS A 271 -14.39 -23.46 49.55
CA CYS A 271 -14.80 -24.77 50.02
C CYS A 271 -14.29 -25.07 51.43
N THR A 272 -13.19 -24.44 51.85
CA THR A 272 -12.76 -24.54 53.23
C THR A 272 -13.38 -23.48 54.12
N GLY A 273 -14.02 -22.47 53.53
CA GLY A 273 -14.78 -21.51 54.30
C GLY A 273 -16.21 -21.98 54.54
N VAL A 274 -16.77 -22.69 53.56
CA VAL A 274 -18.10 -23.25 53.71
C VAL A 274 -18.15 -24.16 54.93
N ILE A 275 -17.02 -24.78 55.28
CA ILE A 275 -16.99 -25.67 56.44
C ILE A 275 -17.29 -24.89 57.70
N GLY A 276 -16.96 -23.61 57.73
CA GLY A 276 -17.21 -22.75 58.88
C GLY A 276 -18.60 -22.16 58.93
N GLY A 277 -19.54 -22.72 58.17
CA GLY A 277 -20.89 -22.18 58.14
C GLY A 277 -21.01 -20.76 57.66
N ASN A 278 -19.92 -20.17 57.17
CA ASN A 278 -19.96 -18.77 56.74
C ASN A 278 -20.67 -18.62 55.41
N LEU A 279 -20.15 -19.28 54.37
CA LEU A 279 -20.61 -19.10 53.01
C LEU A 279 -21.58 -20.23 52.63
N THR A 280 -21.96 -20.24 51.35
CA THR A 280 -22.79 -21.29 50.78
C THR A 280 -22.34 -21.51 49.34
N VAL A 281 -22.68 -22.69 48.81
CA VAL A 281 -22.24 -23.08 47.47
C VAL A 281 -22.45 -21.94 46.48
N GLY A 282 -23.55 -21.22 46.62
CA GLY A 282 -23.78 -20.06 45.80
C GLY A 282 -22.62 -19.08 45.86
N ASP A 283 -21.90 -19.05 46.98
CA ASP A 283 -20.75 -18.15 47.08
C ASP A 283 -19.60 -18.65 46.22
N LEU A 284 -19.40 -19.96 46.15
CA LEU A 284 -18.40 -20.50 45.23
C LEU A 284 -18.74 -20.10 43.79
N VAL A 285 -20.02 -20.24 43.43
CA VAL A 285 -20.44 -19.84 42.09
C VAL A 285 -20.16 -18.36 41.87
N LEU A 286 -20.54 -17.54 42.86
CA LEU A 286 -20.36 -16.10 42.78
C LEU A 286 -18.91 -15.75 42.50
N ILE A 287 -18.00 -16.35 43.27
CA ILE A 287 -16.58 -16.04 43.13
C ILE A 287 -16.08 -16.45 41.75
N ASN A 288 -16.32 -17.71 41.37
CA ASN A 288 -15.83 -18.18 40.08
C ASN A 288 -16.36 -17.30 38.95
N GLN A 289 -17.63 -16.91 39.01
CA GLN A 289 -18.21 -16.16 37.91
C GLN A 289 -17.68 -14.73 37.88
N LEU A 290 -17.53 -14.10 39.05
CA LEU A 290 -16.95 -12.77 39.08
C LEU A 290 -15.57 -12.76 38.45
N VAL A 291 -14.73 -13.72 38.85
CA VAL A 291 -13.35 -13.71 38.35
C VAL A 291 -13.33 -14.03 36.86
N PHE A 292 -14.21 -14.92 36.39
CA PHE A 292 -14.22 -15.20 34.96
C PHE A 292 -14.68 -13.97 34.18
N GLN A 293 -15.65 -13.22 34.72
CA GLN A 293 -16.06 -11.99 34.08
C GLN A 293 -14.89 -11.02 33.98
N LEU A 294 -14.10 -10.92 35.06
CA LEU A 294 -12.89 -10.12 35.00
C LEU A 294 -11.97 -10.61 33.88
N SER A 295 -11.93 -11.92 33.67
CA SER A 295 -10.99 -12.48 32.70
C SER A 295 -11.42 -12.21 31.27
N VAL A 296 -12.72 -12.17 31.01
CA VAL A 296 -13.22 -12.10 29.63
C VAL A 296 -12.60 -10.92 28.88
N PRO A 297 -12.71 -9.68 29.38
CA PRO A 297 -12.33 -8.52 28.57
C PRO A 297 -10.86 -8.14 28.61
N LEU A 298 -9.99 -9.03 29.11
CA LEU A 298 -8.60 -8.64 29.34
C LEU A 298 -7.70 -8.93 28.14
N ASN A 299 -8.05 -9.91 27.30
CA ASN A 299 -7.27 -10.15 26.09
C ASN A 299 -7.10 -8.88 25.29
N PHE A 300 -8.22 -8.18 25.05
CA PHE A 300 -8.18 -6.99 24.22
C PHE A 300 -7.27 -5.93 24.82
N LEU A 301 -7.47 -5.63 26.11
CA LEU A 301 -6.64 -4.62 26.76
C LEU A 301 -5.17 -4.98 26.69
N GLY A 302 -4.84 -6.23 27.02
CA GLY A 302 -3.45 -6.65 26.92
C GLY A 302 -2.89 -6.49 25.53
N SER A 303 -3.74 -6.61 24.51
CA SER A 303 -3.27 -6.45 23.14
C SER A 303 -3.02 -4.98 22.80
N VAL A 304 -3.98 -4.12 23.12
CA VAL A 304 -3.96 -2.75 22.61
C VAL A 304 -2.75 -1.98 23.14
N TYR A 305 -2.45 -2.14 24.43
CA TYR A 305 -1.33 -1.40 25.03
C TYR A 305 -0.09 -1.44 24.15
N ARG A 306 0.09 -2.52 23.39
CA ARG A 306 1.18 -2.58 22.43
C ARG A 306 1.20 -1.34 21.53
N ASP A 307 0.01 -0.88 21.11
CA ASP A 307 -0.08 0.19 20.12
C ASP A 307 -0.28 1.58 20.71
N LEU A 308 -0.45 1.69 22.03
CA LEU A 308 -0.85 2.97 22.60
C LEU A 308 0.28 4.00 22.54
N LYS A 309 1.52 3.57 22.76
CA LYS A 309 2.62 4.54 22.85
C LYS A 309 2.96 5.11 21.48
N GLN A 310 3.03 4.24 20.47
CA GLN A 310 3.22 4.74 19.11
C GLN A 310 2.12 5.72 18.74
N SER A 311 0.89 5.44 19.18
CA SER A 311 -0.22 6.33 18.86
C SER A 311 -0.08 7.66 19.57
N LEU A 312 0.39 7.66 20.81
CA LEU A 312 0.64 8.92 21.51
C LEU A 312 1.72 9.73 20.80
N ILE A 313 2.77 9.05 20.34
CA ILE A 313 3.83 9.73 19.61
C ILE A 313 3.26 10.36 18.34
N ASP A 314 2.44 9.61 17.62
CA ASP A 314 1.82 10.14 16.41
C ASP A 314 0.93 11.34 16.73
N MET A 315 0.18 11.27 17.82
CA MET A 315 -0.68 12.38 18.20
C MET A 315 0.14 13.63 18.48
N GLU A 316 1.26 13.47 19.19
CA GLU A 316 2.10 14.63 19.46
C GLU A 316 2.65 15.20 18.17
N THR A 317 3.15 14.34 17.29
CA THR A 317 3.61 14.78 15.98
C THR A 317 2.55 15.62 15.29
N LEU A 318 1.34 15.08 15.19
CA LEU A 318 0.26 15.77 14.50
C LEU A 318 -0.02 17.13 15.15
N PHE A 319 -0.35 17.12 16.45
CA PHE A 319 -0.62 18.35 17.16
C PHE A 319 0.50 19.36 17.03
N LYS A 320 1.71 18.91 16.68
CA LYS A 320 2.82 19.84 16.51
C LYS A 320 2.68 20.69 15.27
N LEU A 321 2.04 20.15 14.20
CA LEU A 321 1.96 20.87 12.94
C LEU A 321 1.19 22.18 13.07
N ARG A 322 0.43 22.35 14.15
CA ARG A 322 -0.31 23.58 14.39
C ARG A 322 0.39 24.51 15.36
N LYS A 323 1.54 24.10 15.91
CA LYS A 323 2.33 24.97 16.75
C LYS A 323 3.34 25.79 15.95
N ASN A 324 3.71 25.34 14.76
CA ASN A 324 4.58 26.11 13.88
C ASN A 324 4.03 27.52 13.71
N GLU A 325 4.90 28.48 13.46
CA GLU A 325 4.52 29.88 13.38
C GLU A 325 4.62 30.36 11.93
N VAL A 326 3.79 31.34 11.60
CA VAL A 326 3.79 31.94 10.27
C VAL A 326 4.63 33.20 10.30
N LYS A 327 5.58 33.30 9.38
CA LYS A 327 6.42 34.49 9.26
C LYS A 327 5.79 35.52 8.33
N ILE A 328 5.10 35.07 7.29
CA ILE A 328 4.40 35.97 6.37
C ILE A 328 2.99 36.14 6.94
N LYS A 329 2.81 37.21 7.71
CA LYS A 329 1.54 37.51 8.35
C LYS A 329 1.03 38.86 7.87
N ASN A 330 -0.26 39.07 8.03
CA ASN A 330 -0.88 40.34 7.66
C ASN A 330 -0.41 41.40 8.63
N ALA A 331 0.53 42.23 8.21
CA ALA A 331 1.10 43.24 9.08
C ALA A 331 0.02 44.16 9.63
N GLU A 332 0.36 44.86 10.70
CA GLU A 332 -0.61 45.71 11.39
C GLU A 332 -1.22 46.71 10.41
N ARG A 333 -2.45 47.11 10.71
CA ARG A 333 -3.22 48.01 9.86
C ARG A 333 -3.35 47.44 8.45
N PRO A 334 -4.01 46.30 8.26
CA PRO A 334 -4.25 45.80 6.91
C PRO A 334 -5.15 46.74 6.14
N LEU A 335 -4.87 46.89 4.86
CA LEU A 335 -5.61 47.79 3.98
C LEU A 335 -6.18 47.01 2.79
N MET A 336 -6.78 47.76 1.87
CA MET A 336 -7.28 47.23 0.61
C MET A 336 -6.75 48.09 -0.52
N LEU A 337 -6.37 47.45 -1.62
CA LEU A 337 -5.81 48.17 -2.75
C LEU A 337 -6.81 49.22 -3.24
N PRO A 338 -6.32 50.28 -3.88
CA PRO A 338 -7.24 51.26 -4.46
C PRO A 338 -8.30 50.63 -5.34
N GLU A 339 -7.93 49.59 -6.10
CA GLU A 339 -8.87 48.84 -6.92
C GLU A 339 -9.68 49.76 -7.83
N ASN A 340 -9.10 50.90 -8.20
CA ASN A 340 -9.74 51.82 -9.13
C ASN A 340 -8.77 52.42 -10.14
N VAL A 341 -7.51 52.01 -10.15
CA VAL A 341 -6.51 52.59 -11.03
C VAL A 341 -5.50 51.52 -11.42
N PRO A 342 -4.75 51.75 -12.50
CA PRO A 342 -3.69 50.80 -12.88
C PRO A 342 -2.67 50.63 -11.75
N TYR A 343 -1.88 49.57 -11.87
CA TYR A 343 -0.98 49.15 -10.81
C TYR A 343 0.47 49.13 -11.30
N ASP A 344 1.38 49.33 -10.36
CA ASP A 344 2.81 49.27 -10.61
C ASP A 344 3.47 48.38 -9.56
N ILE A 345 4.65 47.88 -9.89
CA ILE A 345 5.39 47.00 -8.99
C ILE A 345 6.80 47.55 -8.81
N THR A 346 6.93 48.87 -8.85
CA THR A 346 8.23 49.51 -8.71
C THR A 346 9.02 48.92 -7.54
N PHE A 347 10.18 48.36 -7.85
CA PHE A 347 11.09 47.87 -6.82
C PHE A 347 12.00 49.01 -6.37
N GLU A 348 12.76 48.75 -5.29
CA GLU A 348 13.70 49.73 -4.77
C GLU A 348 14.70 49.03 -3.87
N ASN A 349 15.97 49.06 -4.25
CA ASN A 349 17.07 48.57 -3.43
C ASN A 349 16.74 47.21 -2.82
N VAL A 350 16.42 46.27 -3.69
CA VAL A 350 16.02 44.94 -3.29
C VAL A 350 17.26 44.07 -3.12
N THR A 351 17.17 43.09 -2.23
CA THR A 351 18.24 42.14 -1.96
C THR A 351 17.61 40.93 -1.29
N PHE A 352 17.68 39.77 -1.95
CA PHE A 352 16.94 38.62 -1.49
C PHE A 352 17.62 37.33 -1.94
N GLY A 353 17.54 36.32 -1.09
CA GLY A 353 18.05 35.00 -1.40
C GLY A 353 17.41 33.95 -0.52
N TYR A 354 17.15 32.77 -1.08
CA TYR A 354 16.45 31.72 -0.33
C TYR A 354 17.23 31.36 0.93
N HIS A 355 18.45 30.85 0.76
CA HIS A 355 19.33 30.56 1.88
C HIS A 355 20.27 31.74 2.09
N PRO A 356 20.45 32.23 3.32
CA PRO A 356 21.24 33.46 3.50
C PRO A 356 22.69 33.35 3.04
N ASP A 357 23.14 32.18 2.60
CA ASP A 357 24.54 32.03 2.21
C ASP A 357 24.79 32.49 0.77
N ARG A 358 23.98 32.01 -0.17
CA ARG A 358 24.16 32.29 -1.59
C ARG A 358 23.02 33.20 -2.06
N LYS A 359 23.28 34.51 -2.07
CA LYS A 359 22.30 35.46 -2.56
C LYS A 359 22.11 35.28 -4.06
N ILE A 360 20.85 35.37 -4.50
CA ILE A 360 20.51 35.18 -5.89
C ILE A 360 20.11 36.47 -6.58
N LEU A 361 19.49 37.41 -5.86
CA LEU A 361 19.02 38.67 -6.42
C LEU A 361 19.61 39.79 -5.58
N LYS A 362 20.47 40.60 -6.19
CA LYS A 362 21.33 41.54 -5.47
C LYS A 362 21.08 42.96 -5.95
N ASN A 363 20.80 43.86 -5.01
CA ASN A 363 20.69 45.29 -5.27
C ASN A 363 19.89 45.59 -6.54
N ALA A 364 18.81 44.84 -6.75
CA ALA A 364 17.95 45.08 -7.89
C ALA A 364 17.07 46.30 -7.65
N SER A 365 16.94 47.13 -8.68
CA SER A 365 16.10 48.31 -8.61
C SER A 365 15.56 48.58 -10.02
N PHE A 366 14.36 48.08 -10.30
CA PHE A 366 13.75 48.30 -11.61
C PHE A 366 12.32 48.82 -11.47
N THR A 367 11.60 48.87 -12.58
CA THR A 367 10.26 49.45 -12.60
C THR A 367 9.38 48.67 -13.57
N ILE A 368 8.25 48.21 -13.07
CA ILE A 368 7.22 47.58 -13.90
C ILE A 368 6.08 48.57 -14.07
N PRO A 369 6.05 49.35 -15.15
CA PRO A 369 5.06 50.43 -15.25
C PRO A 369 3.65 49.93 -15.47
N ALA A 370 2.72 50.86 -15.64
CA ALA A 370 1.30 50.54 -15.76
C ALA A 370 0.94 50.22 -17.20
N GLY A 371 0.24 49.10 -17.40
CA GLY A 371 -0.29 48.74 -18.70
C GLY A 371 0.76 48.46 -19.75
N TRP A 372 2.01 48.29 -19.32
CA TRP A 372 3.11 47.98 -20.22
C TRP A 372 3.55 46.54 -19.98
N LYS A 373 3.39 45.70 -21.00
CA LYS A 373 3.64 44.26 -20.85
C LYS A 373 5.15 44.03 -20.76
N THR A 374 5.68 44.24 -19.55
CA THR A 374 7.10 44.10 -19.33
C THR A 374 7.53 42.64 -19.50
N ALA A 375 8.82 42.43 -19.75
CA ALA A 375 9.37 41.11 -19.98
C ALA A 375 10.70 40.98 -19.25
N ILE A 376 10.77 40.01 -18.34
CA ILE A 376 12.00 39.71 -17.63
C ILE A 376 12.72 38.61 -18.39
N VAL A 377 14.05 38.64 -18.37
CA VAL A 377 14.85 37.63 -19.06
C VAL A 377 16.24 37.61 -18.46
N GLY A 378 16.84 36.42 -18.43
CA GLY A 378 18.16 36.21 -17.88
C GLY A 378 18.58 34.76 -17.98
N SER A 379 19.14 34.22 -16.90
CA SER A 379 19.50 32.81 -16.82
C SER A 379 18.80 32.17 -15.64
N SER A 380 18.65 30.85 -15.70
CA SER A 380 18.01 30.12 -14.60
C SER A 380 18.93 30.10 -13.39
N GLY A 381 18.75 31.08 -12.51
CA GLY A 381 19.66 31.27 -11.40
C GLY A 381 20.07 32.72 -11.28
N SER A 382 19.75 33.51 -12.29
CA SER A 382 20.02 34.95 -12.28
C SER A 382 18.93 35.74 -11.59
N GLY A 383 17.94 35.07 -11.00
CA GLY A 383 16.89 35.76 -10.28
C GLY A 383 15.80 36.31 -11.17
N LYS A 384 15.12 35.42 -11.92
CA LYS A 384 13.96 35.79 -12.69
C LYS A 384 12.74 34.92 -12.42
N SER A 385 12.93 33.72 -11.89
CA SER A 385 11.84 32.90 -11.39
C SER A 385 11.49 33.23 -9.95
N THR A 386 11.95 34.37 -9.44
CA THR A 386 11.78 34.73 -8.04
C THR A 386 11.00 36.01 -7.86
N ILE A 387 10.97 36.88 -8.88
CA ILE A 387 10.21 38.12 -8.79
C ILE A 387 8.76 37.82 -8.43
N LEU A 388 8.19 36.77 -9.02
CA LEU A 388 6.84 36.36 -8.66
C LEU A 388 6.74 36.07 -7.18
N LYS A 389 7.48 35.07 -6.71
CA LYS A 389 7.44 34.68 -5.30
C LYS A 389 7.64 35.87 -4.38
N LEU A 390 8.34 36.89 -4.84
CA LEU A 390 8.61 38.06 -4.01
C LEU A 390 7.53 39.14 -4.11
N VAL A 391 6.74 39.15 -5.18
CA VAL A 391 5.67 40.13 -5.30
C VAL A 391 4.37 39.50 -4.82
N PHE A 392 4.27 38.19 -4.99
CA PHE A 392 3.11 37.46 -4.47
C PHE A 392 3.18 37.24 -2.97
N ARG A 393 4.25 37.71 -2.33
CA ARG A 393 4.38 37.67 -0.87
C ARG A 393 4.42 36.24 -0.34
N PHE A 394 5.20 35.40 -1.02
CA PHE A 394 5.60 34.13 -0.46
C PHE A 394 6.86 34.26 0.39
N TYR A 395 7.66 35.29 0.15
CA TYR A 395 8.82 35.62 0.95
C TYR A 395 8.85 37.13 1.14
N ASP A 396 9.89 37.61 1.81
CA ASP A 396 10.05 39.02 2.11
C ASP A 396 11.41 39.51 1.62
N PRO A 397 11.56 40.81 1.42
CA PRO A 397 12.86 41.34 0.98
C PRO A 397 13.79 41.64 2.13
N GLU A 398 15.07 41.32 1.97
CA GLU A 398 16.08 41.66 2.97
C GLU A 398 16.59 43.06 2.65
N SER A 399 16.12 44.04 3.41
CA SER A 399 16.44 45.44 3.16
C SER A 399 16.02 45.85 1.75
N GLY A 400 14.78 45.50 1.40
CA GLY A 400 14.22 45.87 0.12
C GLY A 400 12.81 46.39 0.28
N ARG A 401 12.38 47.14 -0.73
CA ARG A 401 11.07 47.79 -0.72
C ARG A 401 10.32 47.42 -2.00
N ILE A 402 9.29 46.59 -1.86
CA ILE A 402 8.44 46.21 -2.99
C ILE A 402 7.33 47.24 -3.06
N LEU A 403 7.62 48.35 -3.74
CA LEU A 403 6.70 49.49 -3.77
C LEU A 403 5.64 49.27 -4.85
N ILE A 404 4.37 49.23 -4.44
CA ILE A 404 3.24 49.24 -5.35
C ILE A 404 2.53 50.58 -5.21
N ASN A 405 2.34 51.27 -6.33
CA ASN A 405 1.60 52.53 -6.35
C ASN A 405 2.12 53.49 -5.28
N GLY A 406 3.43 53.55 -5.14
CA GLY A 406 4.03 54.42 -4.14
C GLY A 406 3.79 53.99 -2.72
N ARG A 407 3.45 52.73 -2.50
CA ARG A 407 3.21 52.22 -1.15
C ARG A 407 3.79 50.82 -1.04
N ASP A 408 4.40 50.53 0.11
CA ASP A 408 5.06 49.25 0.30
C ASP A 408 4.07 48.10 0.16
N ILE A 409 4.63 46.89 0.01
CA ILE A 409 3.81 45.70 -0.12
C ILE A 409 3.49 45.08 1.24
N LYS A 410 4.34 45.29 2.24
CA LYS A 410 4.11 44.77 3.59
C LYS A 410 3.06 45.56 4.35
N GLU A 411 2.35 46.44 3.67
CA GLU A 411 1.31 47.27 4.28
C GLU A 411 -0.10 46.83 3.93
N TYR A 412 -0.27 46.05 2.88
CA TYR A 412 -1.60 45.61 2.45
C TYR A 412 -1.90 44.21 2.98
N ASP A 413 -3.15 43.80 2.79
CA ASP A 413 -3.56 42.46 3.13
C ASP A 413 -3.03 41.48 2.10
N ILE A 414 -2.30 40.45 2.57
CA ILE A 414 -1.71 39.48 1.65
C ILE A 414 -2.76 38.94 0.70
N ASP A 415 -3.98 38.77 1.17
CA ASP A 415 -5.03 38.23 0.31
C ASP A 415 -5.58 39.27 -0.64
N ALA A 416 -5.74 40.51 -0.17
CA ALA A 416 -6.14 41.60 -1.06
C ALA A 416 -5.12 41.80 -2.18
N LEU A 417 -3.91 41.27 -2.02
CA LEU A 417 -2.88 41.34 -3.05
C LEU A 417 -2.94 40.11 -3.93
N ARG A 418 -2.82 38.92 -3.33
CA ARG A 418 -2.91 37.67 -4.06
C ARG A 418 -4.21 37.52 -4.85
N LYS A 419 -5.21 38.36 -4.58
CA LYS A 419 -6.46 38.29 -5.32
C LYS A 419 -6.43 39.10 -6.61
N VAL A 420 -5.45 39.99 -6.77
CA VAL A 420 -5.33 40.79 -7.98
C VAL A 420 -3.97 40.52 -8.61
N ILE A 421 -3.47 39.30 -8.43
CA ILE A 421 -2.18 38.89 -8.98
C ILE A 421 -2.39 37.51 -9.58
N GLY A 422 -2.47 37.42 -10.89
CA GLY A 422 -2.69 36.17 -11.58
C GLY A 422 -1.41 35.67 -12.21
N VAL A 423 -1.33 34.36 -12.40
CA VAL A 423 -0.11 33.73 -12.90
C VAL A 423 -0.47 32.60 -13.86
N VAL A 424 0.33 32.46 -14.90
CA VAL A 424 0.31 31.31 -15.79
C VAL A 424 1.58 30.52 -15.51
N PRO A 425 1.55 29.51 -14.65
CA PRO A 425 2.79 28.82 -14.29
C PRO A 425 3.30 27.93 -15.42
N GLN A 426 4.58 27.56 -15.29
CA GLN A 426 5.23 26.73 -16.30
C GLN A 426 4.54 25.38 -16.41
N ASP A 427 4.58 24.59 -15.35
CA ASP A 427 3.98 23.26 -15.30
C ASP A 427 2.75 23.34 -14.41
N THR A 428 1.62 23.72 -14.99
CA THR A 428 0.40 23.83 -14.22
C THR A 428 0.00 22.45 -13.69
N PRO A 429 -0.69 22.41 -12.55
CA PRO A 429 -1.11 21.13 -11.99
C PRO A 429 -2.52 20.75 -12.46
N LEU A 430 -2.87 19.49 -12.20
CA LEU A 430 -4.20 18.99 -12.48
C LEU A 430 -4.59 18.02 -11.37
N PHE A 431 -5.65 18.38 -10.65
CA PHE A 431 -6.10 17.55 -9.54
C PHE A 431 -6.71 16.25 -10.05
N ASN A 432 -6.77 15.26 -9.17
CA ASN A 432 -7.39 13.99 -9.53
C ASN A 432 -8.90 14.15 -9.56
N ASP A 433 -9.39 14.96 -10.48
CA ASP A 433 -10.81 15.30 -10.58
C ASP A 433 -11.10 15.59 -12.04
N THR A 434 -12.22 16.28 -12.30
CA THR A 434 -12.70 16.49 -13.65
C THR A 434 -11.89 17.60 -14.32
N ILE A 435 -12.39 18.06 -15.48
CA ILE A 435 -11.76 19.14 -16.23
C ILE A 435 -12.64 20.37 -16.10
N TRP A 436 -13.93 20.15 -15.82
CA TRP A 436 -14.81 21.27 -15.51
C TRP A 436 -14.54 21.82 -14.12
N GLU A 437 -14.18 20.95 -13.18
CA GLU A 437 -13.85 21.39 -11.83
C GLU A 437 -12.48 22.07 -11.81
N ASN A 438 -11.50 21.50 -12.50
CA ASN A 438 -10.17 22.09 -12.54
C ASN A 438 -10.16 23.44 -13.22
N VAL A 439 -11.15 23.73 -14.07
CA VAL A 439 -11.26 25.05 -14.68
C VAL A 439 -12.17 25.95 -13.86
N LYS A 440 -13.12 25.40 -13.11
CA LYS A 440 -13.86 26.22 -12.17
C LYS A 440 -12.96 26.69 -11.04
N PHE A 441 -11.89 25.95 -10.78
CA PHE A 441 -10.89 26.28 -9.76
C PHE A 441 -10.51 27.75 -9.78
N GLY A 442 -10.47 28.35 -10.96
CA GLY A 442 -10.07 29.75 -11.06
C GLY A 442 -10.94 30.66 -10.24
N ARG A 443 -12.26 30.51 -10.36
CA ARG A 443 -13.21 31.29 -9.57
C ARG A 443 -14.42 30.39 -9.28
N ILE A 444 -14.39 29.74 -8.12
CA ILE A 444 -15.48 28.85 -7.74
C ILE A 444 -16.82 29.58 -7.78
N ASP A 445 -16.83 30.87 -7.47
CA ASP A 445 -18.06 31.66 -7.48
C ASP A 445 -18.39 32.17 -8.87
N ALA A 446 -18.46 31.25 -9.84
CA ALA A 446 -18.72 31.58 -11.23
C ALA A 446 -19.97 30.88 -11.73
N THR A 447 -20.55 31.42 -12.79
CA THR A 447 -21.67 30.80 -13.47
C THR A 447 -21.16 29.95 -14.62
N ASP A 448 -21.80 28.80 -14.83
CA ASP A 448 -21.33 27.86 -15.84
C ASP A 448 -21.21 28.51 -17.21
N GLU A 449 -22.05 29.51 -17.50
CA GLU A 449 -21.95 30.21 -18.77
C GLU A 449 -20.61 30.90 -18.92
N GLU A 450 -20.16 31.59 -17.86
CA GLU A 450 -18.83 32.19 -17.89
C GLU A 450 -17.76 31.14 -18.11
N VAL A 451 -17.89 30.00 -17.44
CA VAL A 451 -16.89 28.94 -17.55
C VAL A 451 -16.80 28.48 -19.00
N ILE A 452 -17.93 28.24 -19.66
CA ILE A 452 -17.89 27.76 -21.03
C ILE A 452 -17.36 28.85 -21.96
N THR A 453 -17.74 30.11 -21.71
CA THR A 453 -17.25 31.20 -22.55
C THR A 453 -15.73 31.27 -22.51
N VAL A 454 -15.16 31.17 -21.32
CA VAL A 454 -13.70 31.27 -21.22
C VAL A 454 -13.04 30.00 -21.73
N VAL A 455 -13.65 28.84 -21.52
CA VAL A 455 -13.10 27.60 -22.05
C VAL A 455 -13.05 27.66 -23.57
N GLU A 456 -13.99 28.38 -24.19
CA GLU A 456 -13.95 28.55 -25.63
C GLU A 456 -12.95 29.62 -26.04
N LYS A 457 -12.87 30.71 -25.27
CA LYS A 457 -11.93 31.77 -25.58
C LYS A 457 -10.49 31.26 -25.54
N ALA A 458 -10.20 30.32 -24.66
CA ALA A 458 -8.88 29.72 -24.55
C ALA A 458 -8.59 28.70 -25.65
N GLN A 459 -9.50 28.56 -26.61
CA GLN A 459 -9.36 27.55 -27.66
C GLN A 459 -9.16 26.16 -27.05
N LEU A 460 -10.12 25.79 -26.19
CA LEU A 460 -10.10 24.50 -25.54
C LEU A 460 -11.28 23.61 -25.89
N ALA A 461 -12.40 24.19 -26.31
CA ALA A 461 -13.56 23.38 -26.69
C ALA A 461 -13.20 22.28 -27.69
N PRO A 462 -12.41 22.53 -28.73
CA PRO A 462 -12.00 21.42 -29.61
C PRO A 462 -11.31 20.29 -28.88
N LEU A 463 -10.73 20.57 -27.70
CA LEU A 463 -9.99 19.57 -26.96
C LEU A 463 -10.79 18.97 -25.81
N ILE A 464 -11.91 19.58 -25.43
CA ILE A 464 -12.81 19.02 -24.42
C ILE A 464 -13.90 18.18 -25.06
N LYS A 465 -14.39 18.59 -26.23
CA LYS A 465 -15.39 17.78 -26.93
C LYS A 465 -14.76 16.59 -27.63
N LYS A 466 -13.46 16.64 -27.90
CA LYS A 466 -12.75 15.51 -28.49
C LYS A 466 -12.62 14.33 -27.53
N LEU A 467 -12.85 14.55 -26.24
CA LEU A 467 -12.68 13.50 -25.25
C LEU A 467 -13.96 12.72 -25.05
N PRO A 468 -13.88 11.53 -24.44
CA PRO A 468 -15.07 10.67 -24.32
C PRO A 468 -16.21 11.34 -23.56
N GLN A 469 -15.95 11.73 -22.32
CA GLN A 469 -16.98 12.32 -21.47
C GLN A 469 -16.91 13.84 -21.58
N GLY A 470 -18.03 14.45 -21.95
CA GLY A 470 -18.10 15.89 -22.09
C GLY A 470 -18.05 16.62 -20.77
N PHE A 471 -16.95 17.32 -20.51
CA PHE A 471 -16.76 18.13 -19.30
C PHE A 471 -16.80 17.28 -18.03
N ASP A 472 -16.61 15.97 -18.15
CA ASP A 472 -16.63 15.10 -16.98
C ASP A 472 -15.53 14.05 -17.03
N THR A 473 -14.53 14.23 -17.89
CA THR A 473 -13.40 13.33 -17.93
C THR A 473 -12.71 13.31 -16.56
N ILE A 474 -11.82 12.34 -16.38
CA ILE A 474 -11.04 12.20 -15.15
C ILE A 474 -9.58 12.44 -15.52
N VAL A 475 -9.02 13.53 -15.01
CA VAL A 475 -7.66 13.94 -15.33
C VAL A 475 -6.78 13.69 -14.10
N GLY A 476 -5.47 13.82 -14.31
CA GLY A 476 -4.50 13.63 -13.25
C GLY A 476 -3.83 12.27 -13.33
N GLU A 477 -2.91 12.05 -12.38
CA GLU A 477 -2.19 10.79 -12.32
C GLU A 477 -3.15 9.61 -12.29
N ARG A 478 -4.17 9.67 -11.44
CA ARG A 478 -5.15 8.59 -11.32
C ARG A 478 -6.26 8.78 -12.35
N GLY A 479 -5.85 8.90 -13.61
CA GLY A 479 -6.81 9.08 -14.68
C GLY A 479 -6.12 9.48 -15.97
N LEU A 480 -6.91 10.05 -16.87
CA LEU A 480 -6.38 10.50 -18.15
C LEU A 480 -5.21 11.45 -17.96
N MET A 481 -4.29 11.45 -18.92
CA MET A 481 -3.10 12.29 -18.90
C MET A 481 -3.02 13.06 -20.21
N ILE A 482 -3.35 14.35 -20.17
CA ILE A 482 -3.24 15.21 -21.35
C ILE A 482 -1.83 15.78 -21.42
N SER A 483 -1.48 16.34 -22.57
CA SER A 483 -0.14 16.82 -22.84
C SER A 483 -0.01 18.29 -22.42
N GLY A 484 1.10 18.92 -22.82
CA GLY A 484 1.43 20.25 -22.39
C GLY A 484 0.47 21.34 -22.83
N GLY A 485 0.34 21.52 -24.15
CA GLY A 485 -0.46 22.64 -24.65
C GLY A 485 -1.84 22.71 -24.04
N GLU A 486 -2.50 21.55 -23.88
CA GLU A 486 -3.81 21.52 -23.26
C GLU A 486 -3.74 22.05 -21.84
N LYS A 487 -2.73 21.62 -21.08
CA LYS A 487 -2.58 22.08 -19.70
C LYS A 487 -2.36 23.59 -19.66
N GLN A 488 -1.56 24.12 -20.59
CA GLN A 488 -1.28 25.55 -20.58
C GLN A 488 -2.53 26.36 -20.90
N ARG A 489 -3.32 25.92 -21.89
CA ARG A 489 -4.55 26.63 -22.17
C ARG A 489 -5.55 26.48 -21.03
N LEU A 490 -5.49 25.37 -20.29
CA LEU A 490 -6.34 25.21 -19.12
C LEU A 490 -5.98 26.22 -18.04
N ALA A 491 -4.69 26.35 -17.74
CA ALA A 491 -4.25 27.35 -16.78
C ALA A 491 -4.61 28.75 -17.25
N ILE A 492 -4.50 28.99 -18.55
CA ILE A 492 -4.88 30.28 -19.09
C ILE A 492 -6.35 30.55 -18.84
N ALA A 493 -7.19 29.53 -19.02
CA ALA A 493 -8.61 29.69 -18.75
C ALA A 493 -8.86 30.01 -17.29
N ARG A 494 -8.17 29.31 -16.39
CA ARG A 494 -8.24 29.65 -14.97
C ARG A 494 -7.99 31.13 -14.76
N VAL A 495 -6.90 31.64 -15.33
CA VAL A 495 -6.56 33.05 -15.18
C VAL A 495 -7.68 33.92 -15.74
N LEU A 496 -8.15 33.60 -16.95
CA LEU A 496 -9.25 34.35 -17.55
C LEU A 496 -10.40 34.47 -16.58
N LEU A 497 -10.68 33.39 -15.84
CA LEU A 497 -11.74 33.44 -14.85
C LEU A 497 -11.38 34.40 -13.73
N LYS A 498 -10.14 34.34 -13.25
CA LYS A 498 -9.73 35.23 -12.17
C LYS A 498 -9.91 36.69 -12.57
N ASN A 499 -9.56 37.04 -13.80
CA ASN A 499 -9.70 38.39 -14.31
C ASN A 499 -8.99 39.40 -13.41
N ALA A 500 -7.67 39.26 -13.33
CA ALA A 500 -6.85 40.11 -12.48
C ALA A 500 -6.29 41.29 -13.28
N ARG A 501 -5.75 42.26 -12.54
CA ARG A 501 -5.15 43.44 -13.14
C ARG A 501 -3.68 43.23 -13.49
N ILE A 502 -2.98 42.38 -12.76
CA ILE A 502 -1.57 42.11 -12.97
C ILE A 502 -1.40 40.62 -13.25
N MET A 503 -0.68 40.31 -14.32
CA MET A 503 -0.49 38.93 -14.75
C MET A 503 1.00 38.62 -14.87
N PHE A 504 1.38 37.41 -14.46
CA PHE A 504 2.75 36.92 -14.51
C PHE A 504 2.77 35.62 -15.29
N PHE A 505 3.32 35.66 -16.50
CA PHE A 505 3.44 34.46 -17.33
C PHE A 505 4.79 33.82 -17.03
N ASP A 506 4.79 32.85 -16.11
CA ASP A 506 6.02 32.23 -15.63
C ASP A 506 6.36 31.06 -16.55
N GLU A 507 6.94 31.38 -17.70
CA GLU A 507 7.42 30.38 -18.66
C GLU A 507 6.26 29.48 -19.11
N ALA A 508 5.23 30.13 -19.64
CA ALA A 508 4.06 29.37 -20.11
C ALA A 508 4.46 28.37 -21.18
N THR A 509 5.46 28.69 -21.99
CA THR A 509 5.91 27.84 -23.08
C THR A 509 7.38 27.52 -22.84
N SER A 510 7.64 26.45 -22.10
CA SER A 510 9.01 26.01 -21.81
C SER A 510 9.41 24.87 -22.73
N ALA A 511 8.63 23.80 -22.76
CA ALA A 511 8.91 22.61 -23.57
C ALA A 511 7.62 22.20 -24.28
N LEU A 512 7.41 22.76 -25.47
CA LEU A 512 6.25 22.44 -26.28
C LEU A 512 6.67 22.43 -27.75
N ASP A 513 5.69 22.33 -28.64
CA ASP A 513 5.95 22.35 -30.07
C ASP A 513 5.92 23.78 -30.59
N THR A 514 6.55 23.98 -31.75
CA THR A 514 6.63 25.31 -32.33
C THR A 514 5.23 25.88 -32.58
N HIS A 515 4.40 25.15 -33.33
CA HIS A 515 3.08 25.68 -33.66
C HIS A 515 2.19 25.78 -32.43
N THR A 516 2.35 24.86 -31.46
CA THR A 516 1.61 25.00 -30.21
C THR A 516 2.04 26.25 -29.45
N GLU A 517 3.34 26.53 -29.43
CA GLU A 517 3.83 27.74 -28.81
C GLU A 517 3.22 28.97 -29.49
N GLN A 518 3.21 28.98 -30.82
CA GLN A 518 2.66 30.13 -31.54
C GLN A 518 1.17 30.27 -31.26
N ALA A 519 0.45 29.16 -31.15
CA ALA A 519 -0.97 29.23 -30.84
C ALA A 519 -1.20 29.79 -29.45
N LEU A 520 -0.44 29.33 -28.46
CA LEU A 520 -0.55 29.88 -27.12
C LEU A 520 -0.27 31.37 -27.10
N LEU A 521 0.78 31.80 -27.82
CA LEU A 521 1.11 33.21 -27.86
C LEU A 521 0.00 34.01 -28.51
N ARG A 522 -0.58 33.49 -29.59
CA ARG A 522 -1.68 34.16 -30.26
C ARG A 522 -2.87 34.33 -29.32
N THR A 523 -3.23 33.26 -28.62
CA THR A 523 -4.34 33.35 -27.67
C THR A 523 -4.05 34.37 -26.59
N ILE A 524 -2.84 34.36 -26.04
CA ILE A 524 -2.50 35.26 -24.95
C ILE A 524 -2.56 36.71 -25.43
N ARG A 525 -2.05 36.98 -26.62
CA ARG A 525 -2.06 38.34 -27.15
C ARG A 525 -3.46 38.76 -27.59
N ASP A 526 -4.33 37.81 -27.91
CA ASP A 526 -5.71 38.16 -28.23
C ASP A 526 -6.53 38.47 -26.98
N ASN A 527 -6.25 37.78 -25.89
CA ASN A 527 -6.98 38.02 -24.64
C ASN A 527 -6.32 39.12 -23.81
N PHE A 528 -5.05 38.94 -23.46
CA PHE A 528 -4.34 39.86 -22.57
C PHE A 528 -3.58 40.90 -23.39
N THR A 529 -4.33 41.85 -23.93
CA THR A 529 -3.76 42.97 -24.66
C THR A 529 -4.39 44.31 -24.31
N SER A 530 -5.45 44.34 -23.52
CA SER A 530 -6.08 45.59 -23.15
C SER A 530 -5.08 46.51 -22.45
N GLY A 531 -5.43 47.79 -22.38
CA GLY A 531 -4.59 48.77 -21.75
C GLY A 531 -4.88 48.93 -20.27
N SER A 532 -5.41 47.87 -19.65
CA SER A 532 -5.73 47.89 -18.23
C SER A 532 -5.33 46.60 -17.55
N ARG A 533 -4.29 45.93 -18.06
CA ARG A 533 -3.81 44.67 -17.49
C ARG A 533 -2.28 44.71 -17.53
N THR A 534 -1.67 45.03 -16.40
CA THR A 534 -0.21 45.05 -16.30
C THR A 534 0.33 43.64 -16.47
N SER A 535 0.93 43.36 -17.61
CA SER A 535 1.42 42.04 -17.95
C SER A 535 2.93 41.97 -17.74
N VAL A 536 3.40 40.79 -17.34
CA VAL A 536 4.82 40.58 -17.10
C VAL A 536 5.18 39.15 -17.49
N TYR A 537 6.01 39.03 -18.53
CA TYR A 537 6.40 37.72 -19.05
C TYR A 537 7.76 37.34 -18.46
N ILE A 538 7.76 36.32 -17.61
CA ILE A 538 9.03 35.77 -17.09
C ILE A 538 9.43 34.68 -18.08
N ALA A 539 10.11 35.09 -19.14
CA ALA A 539 10.43 34.21 -20.25
C ALA A 539 11.93 34.16 -20.47
N HIS A 540 12.37 33.04 -21.07
CA HIS A 540 13.76 32.87 -21.45
C HIS A 540 13.91 32.53 -22.92
N ARG A 541 12.83 32.53 -23.70
CA ARG A 541 12.85 32.33 -25.14
C ARG A 541 12.40 33.64 -25.78
N LEU A 542 13.37 34.49 -26.12
CA LEU A 542 13.05 35.82 -26.64
C LEU A 542 12.26 35.78 -27.94
N ARG A 543 12.17 34.62 -28.59
CA ARG A 543 11.38 34.53 -29.82
C ARG A 543 9.96 35.02 -29.63
N THR A 544 9.47 35.04 -28.39
CA THR A 544 8.13 35.55 -28.08
C THR A 544 8.15 36.99 -27.61
N ILE A 545 9.28 37.45 -27.08
CA ILE A 545 9.39 38.79 -26.51
C ILE A 545 9.85 39.73 -27.62
N ALA A 546 8.89 40.27 -28.36
CA ALA A 546 9.20 41.19 -29.45
C ALA A 546 8.34 42.44 -29.38
N ASP A 547 7.16 42.33 -28.77
CA ASP A 547 6.19 43.42 -28.73
C ASP A 547 6.14 44.13 -27.39
N ALA A 548 6.95 43.70 -26.42
CA ALA A 548 6.88 44.28 -25.09
C ALA A 548 7.40 45.72 -25.09
N ASP A 549 6.80 46.54 -24.23
CA ASP A 549 7.18 47.95 -24.11
C ASP A 549 8.36 48.16 -23.18
N LYS A 550 8.81 47.11 -22.49
CA LYS A 550 9.99 47.22 -21.62
C LYS A 550 10.55 45.82 -21.42
N ILE A 551 11.79 45.61 -21.82
CA ILE A 551 12.48 44.34 -21.67
C ILE A 551 13.58 44.53 -20.65
N ILE A 552 13.49 43.80 -19.54
CA ILE A 552 14.44 43.92 -18.44
C ILE A 552 15.35 42.70 -18.47
N VAL A 553 16.65 42.93 -18.28
CA VAL A 553 17.66 41.90 -18.34
C VAL A 553 18.33 41.80 -16.98
N LEU A 554 18.42 40.57 -16.46
CA LEU A 554 19.01 40.31 -15.15
C LEU A 554 20.19 39.37 -15.31
N ASP A 555 21.37 39.84 -14.91
CA ASP A 555 22.59 39.05 -14.95
C ASP A 555 23.21 39.05 -13.57
N ASN A 556 23.61 37.87 -13.09
CA ASN A 556 24.21 37.74 -11.76
C ASN A 556 23.34 38.40 -10.70
N GLY A 557 22.03 38.22 -10.84
CA GLY A 557 21.09 38.80 -9.89
C GLY A 557 21.14 40.31 -9.82
N ARG A 558 21.38 40.97 -10.95
CA ARG A 558 21.39 42.42 -11.01
C ARG A 558 20.81 42.88 -12.33
N VAL A 559 20.02 43.95 -12.30
CA VAL A 559 19.46 44.53 -13.51
C VAL A 559 20.58 45.17 -14.31
N ARG A 560 20.53 45.00 -15.63
CA ARG A 560 21.57 45.53 -16.51
C ARG A 560 21.08 46.67 -17.39
N GLU A 561 19.99 46.46 -18.14
CA GLU A 561 19.56 47.44 -19.12
C GLU A 561 18.07 47.26 -19.38
N GLU A 562 17.53 48.17 -20.19
CA GLU A 562 16.13 48.15 -20.55
C GLU A 562 16.02 48.46 -22.05
N GLY A 563 14.80 48.68 -22.51
CA GLY A 563 14.55 49.13 -23.86
C GLY A 563 13.81 48.08 -24.68
N LYS A 564 13.31 48.53 -25.83
CA LYS A 564 12.56 47.68 -26.73
C LYS A 564 13.51 46.82 -27.57
N HIS A 565 12.97 45.69 -28.04
CA HIS A 565 13.75 44.68 -28.72
C HIS A 565 14.72 45.28 -29.74
N LEU A 566 14.18 45.97 -30.75
CA LEU A 566 15.05 46.55 -31.77
C LEU A 566 15.91 47.66 -31.19
N GLU A 567 15.49 48.29 -30.11
CA GLU A 567 16.24 49.40 -29.54
C GLU A 567 17.56 48.92 -28.95
N LEU A 568 17.52 47.89 -28.11
CA LEU A 568 18.73 47.41 -27.46
C LEU A 568 19.48 46.39 -28.32
N LEU A 569 18.78 45.66 -29.19
CA LEU A 569 19.48 44.73 -30.07
C LEU A 569 20.48 45.48 -30.95
N ALA A 570 20.18 46.72 -31.31
CA ALA A 570 21.11 47.54 -32.06
C ALA A 570 22.14 48.23 -31.17
N MET A 571 22.10 47.99 -29.85
CA MET A 571 23.05 48.63 -28.95
C MET A 571 24.31 47.78 -28.84
N PRO A 572 25.50 48.40 -28.86
CA PRO A 572 26.73 47.61 -28.84
C PRO A 572 26.90 46.81 -27.55
N GLY A 573 27.29 45.55 -27.69
CA GLY A 573 27.69 44.73 -26.57
C GLY A 573 26.56 44.24 -25.68
N SER A 574 25.31 44.57 -25.99
CA SER A 574 24.20 44.16 -25.14
C SER A 574 24.03 42.65 -25.15
N LEU A 575 23.81 42.08 -23.96
CA LEU A 575 23.53 40.65 -23.86
C LEU A 575 22.35 40.25 -24.73
N TYR A 576 21.45 41.19 -25.01
CA TYR A 576 20.31 40.91 -25.89
C TYR A 576 20.79 40.34 -27.22
N ARG A 577 21.85 40.91 -27.79
CA ARG A 577 22.30 40.47 -29.10
C ARG A 577 22.81 39.04 -29.06
N GLU A 578 23.70 38.74 -28.10
CA GLU A 578 24.24 37.39 -27.99
C GLU A 578 23.12 36.38 -27.76
N LEU A 579 22.22 36.68 -26.84
CA LEU A 579 21.13 35.75 -26.55
C LEU A 579 20.24 35.54 -27.76
N TRP A 580 19.93 36.61 -28.48
CA TRP A 580 19.07 36.51 -29.65
C TRP A 580 19.72 35.66 -30.73
N THR A 581 21.00 35.92 -31.02
CA THR A 581 21.70 35.14 -32.03
C THR A 581 21.77 33.67 -31.64
N ILE A 582 22.08 33.40 -30.37
CA ILE A 582 22.19 32.01 -29.93
C ILE A 582 20.85 31.30 -30.06
N GLN A 583 19.77 31.94 -29.59
CA GLN A 583 18.46 31.30 -29.67
C GLN A 583 18.02 31.12 -31.12
N GLU A 584 18.36 32.06 -31.99
CA GLU A 584 17.98 31.96 -33.39
C GLU A 584 18.68 30.79 -34.07
N ASP A 585 20.00 30.71 -33.90
CA ASP A 585 20.72 29.57 -34.46
C ASP A 585 20.24 28.25 -33.86
N LEU A 586 19.92 28.26 -32.57
CA LEU A 586 19.43 27.05 -31.92
C LEU A 586 18.10 26.61 -32.53
N ASP A 587 17.18 27.55 -32.75
CA ASP A 587 15.90 27.20 -33.35
C ASP A 587 16.09 26.73 -34.79
N HIS A 588 17.00 27.36 -35.53
CA HIS A 588 17.32 26.91 -36.87
C HIS A 588 17.72 25.44 -36.86
N LEU A 589 18.76 25.12 -36.08
CA LEU A 589 19.24 23.74 -36.02
C LEU A 589 18.15 22.81 -35.52
N GLU A 590 17.34 23.27 -34.56
CA GLU A 590 16.29 22.43 -34.00
C GLU A 590 15.28 22.03 -35.07
N ASN A 591 14.72 23.02 -35.77
CA ASN A 591 13.71 22.70 -36.77
C ASN A 591 14.31 21.87 -37.91
N GLU A 592 15.55 22.16 -38.30
CA GLU A 592 16.19 21.36 -39.35
C GLU A 592 16.32 19.91 -38.92
N LEU A 593 16.81 19.68 -37.69
CA LEU A 593 16.97 18.32 -37.20
C LEU A 593 15.63 17.62 -37.04
N LYS A 594 14.57 18.36 -36.69
CA LYS A 594 13.26 17.74 -36.56
C LYS A 594 12.72 17.33 -37.92
N ASP A 595 12.93 18.16 -38.95
CA ASP A 595 12.58 17.76 -40.30
C ASP A 595 13.33 16.50 -40.69
N GLN A 596 14.62 16.44 -40.37
CA GLN A 596 15.40 15.24 -40.70
C GLN A 596 14.83 14.02 -39.99
N GLN A 597 14.51 14.14 -38.70
CA GLN A 597 13.95 13.02 -37.96
C GLN A 597 12.65 12.53 -38.58
N GLU A 598 11.71 13.45 -38.82
CA GLU A 598 10.46 13.03 -39.44
C GLU A 598 10.66 12.49 -40.85
N LEU A 599 11.80 12.81 -41.47
CA LEU A 599 12.17 12.11 -42.70
C LEU A 599 12.46 10.65 -42.43
N TRP A 600 13.25 10.37 -41.39
CA TRP A 600 13.60 9.00 -41.02
C TRP A 600 12.54 8.39 -40.13
N LEU B 1 -11.34 -26.97 -3.78
CA LEU B 1 -10.86 -27.23 -2.44
C LEU B 1 -10.20 -28.61 -2.35
N LYS B 2 -10.53 -29.49 -3.29
CA LYS B 2 -9.99 -30.84 -3.27
C LYS B 2 -8.46 -30.81 -3.30
N ASP B 3 -7.88 -30.04 -4.22
CA ASP B 3 -6.43 -29.94 -4.28
C ASP B 3 -5.85 -29.56 -2.93
N LEU B 4 -6.57 -28.76 -2.15
CA LEU B 4 -6.10 -28.43 -0.81
C LEU B 4 -5.98 -29.68 0.04
N PHE B 5 -7.05 -30.47 0.12
CA PHE B 5 -6.97 -31.74 0.82
C PHE B 5 -5.95 -32.69 0.21
N ARG B 6 -5.47 -32.38 -0.99
CA ARG B 6 -4.36 -33.14 -1.56
C ARG B 6 -3.01 -32.63 -1.08
N TYR B 7 -2.92 -31.35 -0.73
CA TYR B 7 -1.66 -30.80 -0.22
C TYR B 7 -1.48 -30.97 1.27
N ILE B 8 -2.52 -31.38 1.99
CA ILE B 8 -2.44 -31.64 3.43
C ILE B 8 -2.73 -33.10 3.75
N TRP B 9 -2.82 -33.95 2.74
CA TRP B 9 -3.03 -35.38 2.92
C TRP B 9 -2.50 -36.09 1.69
N PRO B 10 -1.21 -35.92 1.39
CA PRO B 10 -0.66 -36.45 0.13
C PRO B 10 -0.52 -37.97 0.18
N LYS B 11 -0.12 -38.51 -0.96
CA LYS B 11 0.10 -39.94 -1.13
C LYS B 11 1.59 -40.20 -1.07
N GLY B 12 2.06 -40.75 0.05
CA GLY B 12 3.47 -41.09 0.20
C GLY B 12 4.11 -40.50 1.43
N ASN B 13 3.77 -39.25 1.77
CA ASN B 13 4.35 -38.60 2.93
C ASN B 13 3.53 -38.98 4.16
N ASN B 14 4.14 -39.75 5.06
CA ASN B 14 3.44 -40.15 6.28
C ASN B 14 3.58 -39.10 7.38
N LYS B 15 4.64 -38.30 7.34
CA LYS B 15 4.83 -37.27 8.36
C LYS B 15 3.62 -36.34 8.43
N VAL B 16 3.13 -35.91 7.27
CA VAL B 16 2.04 -34.94 7.25
C VAL B 16 0.74 -35.58 7.69
N ARG B 17 0.46 -36.79 7.20
CA ARG B 17 -0.74 -37.49 7.66
C ARG B 17 -0.73 -37.67 9.17
N ILE B 18 0.45 -37.96 9.73
CA ILE B 18 0.54 -38.18 11.17
C ILE B 18 0.38 -36.88 11.93
N ARG B 19 1.01 -35.81 11.45
CA ARG B 19 0.81 -34.50 12.07
C ARG B 19 -0.66 -34.12 12.07
N VAL B 20 -1.37 -34.44 10.98
CA VAL B 20 -2.78 -34.09 10.89
C VAL B 20 -3.61 -34.92 11.86
N LEU B 21 -3.35 -36.23 11.92
CA LEU B 21 -4.05 -37.06 12.89
C LEU B 21 -3.80 -36.61 14.31
N ILE B 22 -2.58 -36.11 14.59
CA ILE B 22 -2.28 -35.62 15.92
C ILE B 22 -3.07 -34.35 16.22
N ALA B 23 -3.12 -33.42 15.25
CA ALA B 23 -3.97 -32.25 15.42
C ALA B 23 -5.41 -32.67 15.70
N LEU B 24 -5.88 -33.70 15.01
CA LEU B 24 -7.24 -34.18 15.20
C LEU B 24 -7.45 -34.68 16.62
N GLY B 25 -6.54 -35.53 17.10
CA GLY B 25 -6.65 -36.03 18.46
C GLY B 25 -6.61 -34.93 19.49
N LEU B 26 -5.75 -33.93 19.28
CA LEU B 26 -5.67 -32.83 20.22
C LEU B 26 -6.96 -32.03 20.24
N LEU B 27 -7.52 -31.74 19.06
CA LEU B 27 -8.80 -31.07 18.98
C LEU B 27 -9.87 -31.82 19.75
N ILE B 28 -9.98 -33.12 19.48
CA ILE B 28 -11.01 -33.94 20.12
C ILE B 28 -10.86 -33.90 21.63
N SER B 29 -9.64 -34.11 22.13
CA SER B 29 -9.44 -34.13 23.57
C SER B 29 -9.69 -32.75 24.17
N ALA B 30 -9.33 -31.69 23.45
CA ALA B 30 -9.60 -30.34 23.93
C ALA B 30 -11.09 -30.16 24.17
N LYS B 31 -11.92 -30.58 23.22
CA LYS B 31 -13.35 -30.39 23.40
C LYS B 31 -13.90 -31.31 24.48
N ILE B 32 -13.40 -32.55 24.54
CA ILE B 32 -13.80 -33.45 25.62
C ILE B 32 -13.58 -32.79 26.97
N LEU B 33 -12.44 -32.12 27.14
CA LEU B 33 -12.13 -31.51 28.42
C LEU B 33 -12.96 -30.25 28.65
N ASN B 34 -13.07 -29.40 27.63
CA ASN B 34 -13.90 -28.21 27.73
C ASN B 34 -15.33 -28.55 28.09
N VAL B 35 -15.75 -29.78 27.82
CA VAL B 35 -17.10 -30.22 28.18
C VAL B 35 -17.13 -30.96 29.51
N GLN B 36 -16.02 -31.57 29.93
CA GLN B 36 -15.98 -32.27 31.20
C GLN B 36 -15.81 -31.31 32.38
N VAL B 37 -15.29 -30.12 32.13
CA VAL B 37 -15.06 -29.12 33.18
C VAL B 37 -16.32 -28.92 34.03
N PRO B 38 -17.43 -28.47 33.43
CA PRO B 38 -18.66 -28.30 34.23
C PRO B 38 -19.05 -29.50 35.06
N PHE B 39 -18.75 -30.72 34.62
CA PHE B 39 -19.13 -31.88 35.43
C PHE B 39 -18.34 -31.92 36.72
N PHE B 40 -17.07 -31.52 36.68
CA PHE B 40 -16.30 -31.42 37.91
C PHE B 40 -16.81 -30.29 38.78
N PHE B 41 -17.17 -29.17 38.16
CA PHE B 41 -17.75 -28.06 38.94
C PHE B 41 -19.01 -28.51 39.64
N LYS B 42 -19.84 -29.29 38.96
CA LYS B 42 -21.10 -29.75 39.54
C LYS B 42 -20.85 -30.78 40.64
N GLN B 43 -19.91 -31.70 40.42
CA GLN B 43 -19.59 -32.65 41.48
C GLN B 43 -19.09 -31.93 42.71
N THR B 44 -18.32 -30.86 42.53
CA THR B 44 -17.93 -30.00 43.64
C THR B 44 -19.16 -29.46 44.34
N ILE B 45 -20.01 -28.75 43.61
CA ILE B 45 -21.15 -28.08 44.23
C ILE B 45 -22.06 -29.08 44.94
N ASP B 46 -22.17 -30.29 44.41
CA ASP B 46 -23.05 -31.30 44.99
C ASP B 46 -22.37 -32.12 46.07
N SER B 47 -21.06 -32.00 46.22
CA SER B 47 -20.36 -32.61 47.34
C SER B 47 -20.18 -31.65 48.51
N MET B 48 -20.25 -30.34 48.27
CA MET B 48 -20.19 -29.37 49.35
C MET B 48 -21.55 -29.10 49.96
N ASN B 49 -22.64 -29.48 49.28
CA ASN B 49 -23.99 -29.24 49.78
C ASN B 49 -24.38 -30.30 50.80
N ILE B 50 -23.60 -30.37 51.86
CA ILE B 50 -23.85 -31.27 52.98
C ILE B 50 -24.00 -30.43 54.24
N ALA B 51 -24.47 -31.07 55.30
CA ALA B 51 -24.57 -30.45 56.61
C ALA B 51 -23.28 -30.71 57.37
N TRP B 52 -22.35 -29.76 57.32
CA TRP B 52 -21.09 -29.88 58.04
C TRP B 52 -21.33 -29.67 59.53
N ASP B 53 -20.94 -30.65 60.33
CA ASP B 53 -21.16 -30.59 61.77
C ASP B 53 -19.97 -29.98 62.51
N ASP B 54 -18.75 -30.32 62.11
CA ASP B 54 -17.54 -29.82 62.76
C ASP B 54 -16.90 -28.76 61.88
N PRO B 55 -17.05 -27.47 62.20
CA PRO B 55 -16.46 -26.43 61.34
C PRO B 55 -14.98 -26.18 61.61
N THR B 56 -14.23 -27.26 61.80
CA THR B 56 -12.78 -27.14 61.95
C THR B 56 -12.04 -28.23 61.20
N VAL B 57 -12.73 -29.08 60.45
CA VAL B 57 -12.09 -30.16 59.72
C VAL B 57 -11.48 -29.62 58.44
N ALA B 58 -10.64 -30.43 57.82
CA ALA B 58 -9.98 -30.05 56.58
C ALA B 58 -10.83 -30.48 55.39
N LEU B 59 -10.46 -29.96 54.22
CA LEU B 59 -11.16 -30.31 53.00
C LEU B 59 -10.86 -31.76 52.63
N PRO B 60 -11.85 -32.65 52.63
CA PRO B 60 -11.56 -34.04 52.24
C PRO B 60 -10.92 -34.12 50.87
N ALA B 61 -10.24 -35.24 50.63
CA ALA B 61 -9.50 -35.39 49.38
C ALA B 61 -10.43 -35.69 48.21
N ALA B 62 -11.56 -36.35 48.47
CA ALA B 62 -12.52 -36.63 47.41
C ALA B 62 -12.99 -35.38 46.70
N ILE B 63 -12.77 -34.21 47.29
CA ILE B 63 -13.22 -32.95 46.71
C ILE B 63 -12.01 -32.17 46.20
N GLY B 64 -10.88 -32.30 46.89
CA GLY B 64 -9.66 -31.69 46.39
C GLY B 64 -9.27 -32.25 45.04
N LEU B 65 -9.41 -33.57 44.88
CA LEU B 65 -9.15 -34.19 43.59
C LEU B 65 -10.08 -33.64 42.53
N THR B 66 -11.35 -33.42 42.88
CA THR B 66 -12.31 -32.89 41.93
C THR B 66 -11.94 -31.48 41.50
N ILE B 67 -11.58 -30.64 42.47
CA ILE B 67 -11.18 -29.26 42.15
C ILE B 67 -9.94 -29.26 41.27
N LEU B 68 -8.96 -30.10 41.61
CA LEU B 68 -7.74 -30.18 40.81
C LEU B 68 -8.06 -30.64 39.40
N CYS B 69 -8.95 -31.62 39.26
CA CYS B 69 -9.34 -32.07 37.93
C CYS B 69 -10.02 -30.95 37.16
N TYR B 70 -10.84 -30.15 37.84
CA TYR B 70 -11.48 -29.01 37.19
C TYR B 70 -10.44 -28.05 36.64
N GLY B 71 -9.44 -27.71 37.45
CA GLY B 71 -8.42 -26.78 36.99
C GLY B 71 -7.61 -27.34 35.85
N VAL B 72 -7.13 -28.58 35.99
CA VAL B 72 -6.31 -29.16 34.93
C VAL B 72 -7.13 -29.36 33.68
N ALA B 73 -8.46 -29.54 33.80
CA ALA B 73 -9.28 -29.69 32.61
C ALA B 73 -9.43 -28.37 31.86
N ARG B 74 -9.68 -27.28 32.58
CA ARG B 74 -9.64 -25.98 31.93
C ARG B 74 -8.33 -25.78 31.18
N PHE B 75 -7.22 -25.88 31.93
CA PHE B 75 -5.91 -25.65 31.36
C PHE B 75 -5.65 -26.57 30.18
N GLY B 76 -6.05 -27.83 30.29
CA GLY B 76 -5.76 -28.80 29.25
C GLY B 76 -6.58 -28.55 28.00
N SER B 77 -7.84 -28.15 28.16
CA SER B 77 -8.64 -27.78 27.00
C SER B 77 -7.96 -26.68 26.22
N VAL B 78 -7.65 -25.57 26.89
CA VAL B 78 -7.04 -24.45 26.18
C VAL B 78 -5.68 -24.85 25.62
N LEU B 79 -4.93 -25.66 26.37
CA LEU B 79 -3.59 -26.05 25.94
C LEU B 79 -3.64 -26.91 24.69
N PHE B 80 -4.53 -27.89 24.66
CA PHE B 80 -4.67 -28.73 23.49
C PHE B 80 -5.15 -27.93 22.29
N GLY B 81 -6.03 -26.96 22.52
CA GLY B 81 -6.40 -26.07 21.42
C GLY B 81 -5.20 -25.37 20.83
N GLU B 82 -4.37 -24.77 21.69
CA GLU B 82 -3.22 -24.03 21.19
C GLU B 82 -2.18 -24.94 20.56
N LEU B 83 -2.03 -26.16 21.09
CA LEU B 83 -1.10 -27.11 20.50
C LEU B 83 -1.56 -27.54 19.12
N ARG B 84 -2.87 -27.77 18.96
CA ARG B 84 -3.42 -28.03 17.64
C ARG B 84 -3.12 -26.88 16.70
N ASN B 85 -3.28 -25.64 17.18
CA ASN B 85 -2.94 -24.48 16.36
C ASN B 85 -1.49 -24.55 15.89
N ALA B 86 -0.56 -24.75 16.82
CA ALA B 86 0.85 -24.80 16.49
C ALA B 86 1.14 -25.88 15.44
N VAL B 87 0.64 -27.09 15.69
CA VAL B 87 0.92 -28.22 14.81
C VAL B 87 0.36 -27.96 13.41
N PHE B 88 -0.93 -27.65 13.32
CA PHE B 88 -1.50 -27.44 12.01
C PHE B 88 -0.92 -26.22 11.33
N ALA B 89 -0.30 -25.30 12.06
CA ALA B 89 0.48 -24.25 11.40
C ALA B 89 1.74 -24.85 10.78
N LYS B 90 2.44 -25.70 11.54
CA LYS B 90 3.59 -26.41 10.99
C LYS B 90 3.23 -27.11 9.70
N VAL B 91 1.97 -27.49 9.54
CA VAL B 91 1.54 -28.18 8.32
C VAL B 91 1.14 -27.20 7.22
N ALA B 92 0.27 -26.24 7.56
CA ALA B 92 -0.24 -25.32 6.55
C ALA B 92 0.88 -24.50 5.94
N GLN B 93 1.91 -24.16 6.71
CA GLN B 93 2.99 -23.37 6.14
C GLN B 93 3.82 -24.19 5.16
N ASN B 94 4.03 -25.47 5.46
CA ASN B 94 4.67 -26.34 4.48
C ASN B 94 3.86 -26.41 3.20
N ALA B 95 2.54 -26.53 3.33
CA ALA B 95 1.69 -26.59 2.15
C ALA B 95 1.80 -25.31 1.33
N ILE B 96 1.74 -24.16 2.00
CA ILE B 96 1.86 -22.88 1.33
C ILE B 96 3.18 -22.78 0.59
N ARG B 97 4.28 -23.06 1.29
CA ARG B 97 5.59 -23.05 0.66
C ARG B 97 5.59 -23.90 -0.60
N THR B 98 5.09 -25.13 -0.49
CA THR B 98 5.16 -26.06 -1.60
C THR B 98 4.37 -25.54 -2.79
N VAL B 99 3.15 -25.05 -2.55
CA VAL B 99 2.31 -24.63 -3.67
C VAL B 99 2.89 -23.37 -4.32
N SER B 100 3.34 -22.41 -3.51
CA SER B 100 3.93 -21.21 -4.09
C SER B 100 5.15 -21.53 -4.92
N LEU B 101 6.01 -22.42 -4.41
CA LEU B 101 7.22 -22.77 -5.15
C LEU B 101 6.90 -23.51 -6.43
N GLN B 102 5.93 -24.43 -6.40
CA GLN B 102 5.58 -25.15 -7.61
C GLN B 102 4.99 -24.20 -8.64
N THR B 103 4.15 -23.26 -8.20
CA THR B 103 3.60 -22.27 -9.11
C THR B 103 4.70 -21.45 -9.76
N PHE B 104 5.60 -20.90 -8.95
CA PHE B 104 6.70 -20.10 -9.48
C PHE B 104 7.60 -20.92 -10.39
N GLN B 105 7.74 -22.22 -10.13
CA GLN B 105 8.51 -23.07 -11.02
C GLN B 105 7.79 -23.26 -12.35
N HIS B 106 6.47 -23.22 -12.32
CA HIS B 106 5.71 -23.31 -13.57
C HIS B 106 5.85 -22.04 -14.38
N LEU B 107 5.55 -20.89 -13.77
CA LEU B 107 5.62 -19.62 -14.49
C LEU B 107 6.94 -19.46 -15.23
N MET B 108 8.04 -19.83 -14.59
CA MET B 108 9.34 -19.81 -15.25
C MET B 108 9.44 -20.83 -16.35
N LYS B 109 8.38 -21.59 -16.62
CA LYS B 109 8.38 -22.61 -17.65
C LYS B 109 7.37 -22.37 -18.74
N LEU B 110 6.39 -21.50 -18.53
CA LEU B 110 5.39 -21.22 -19.56
C LEU B 110 6.05 -20.55 -20.76
N ASP B 111 5.26 -20.41 -21.82
CA ASP B 111 5.70 -19.68 -22.99
C ASP B 111 5.78 -18.19 -22.66
N LEU B 112 6.17 -17.39 -23.65
CA LEU B 112 6.29 -15.95 -23.44
C LEU B 112 4.96 -15.25 -23.66
N GLY B 113 4.22 -15.64 -24.70
CA GLY B 113 2.95 -15.00 -24.96
C GLY B 113 2.06 -14.94 -23.73
N TRP B 114 2.04 -16.02 -22.94
CA TRP B 114 1.21 -16.04 -21.75
C TRP B 114 1.68 -15.02 -20.72
N HIS B 115 2.94 -14.60 -20.78
CA HIS B 115 3.44 -13.59 -19.88
C HIS B 115 3.24 -12.18 -20.43
N LEU B 116 3.34 -12.01 -21.75
CA LEU B 116 3.16 -10.68 -22.32
C LEU B 116 1.70 -10.28 -22.34
N SER B 117 0.79 -11.24 -22.55
CA SER B 117 -0.63 -10.93 -22.48
C SER B 117 -1.03 -10.52 -21.07
N ARG B 118 -0.68 -11.34 -20.09
CA ARG B 118 -1.08 -11.08 -18.71
C ARG B 118 -0.16 -10.07 -18.05
N GLN B 119 -0.66 -9.50 -16.95
CA GLN B 119 0.05 -8.50 -16.19
C GLN B 119 0.78 -9.14 -15.01
N THR B 120 1.93 -8.57 -14.65
CA THR B 120 2.74 -9.15 -13.59
C THR B 120 2.20 -8.81 -12.20
N GLY B 121 1.83 -7.55 -11.99
CA GLY B 121 1.16 -7.20 -10.75
C GLY B 121 -0.01 -8.11 -10.46
N GLY B 122 -0.77 -8.46 -11.50
CA GLY B 122 -1.89 -9.37 -11.32
C GLY B 122 -1.44 -10.74 -10.85
N LEU B 123 -0.36 -11.26 -11.45
CA LEU B 123 0.12 -12.58 -11.04
C LEU B 123 0.60 -12.58 -9.60
N THR B 124 1.33 -11.53 -9.21
CA THR B 124 1.84 -11.48 -7.84
C THR B 124 0.70 -11.31 -6.84
N ARG B 125 -0.27 -10.45 -7.15
CA ARG B 125 -1.44 -10.31 -6.29
C ARG B 125 -2.18 -11.63 -6.19
N ALA B 126 -2.29 -12.36 -7.30
CA ALA B 126 -2.97 -13.65 -7.27
C ALA B 126 -2.25 -14.63 -6.36
N MET B 127 -0.92 -14.71 -6.47
CA MET B 127 -0.17 -15.62 -5.60
C MET B 127 -0.37 -15.24 -4.14
N ASP B 128 -0.19 -13.96 -3.81
CA ASP B 128 -0.33 -13.55 -2.42
C ASP B 128 -1.73 -13.83 -1.89
N ARG B 129 -2.75 -13.48 -2.68
CA ARG B 129 -4.12 -13.66 -2.23
C ARG B 129 -4.47 -15.13 -2.08
N GLY B 130 -4.05 -15.97 -3.02
CA GLY B 130 -4.30 -17.39 -2.90
C GLY B 130 -3.60 -18.01 -1.71
N THR B 131 -2.39 -17.53 -1.40
CA THR B 131 -1.67 -18.03 -0.24
C THR B 131 -2.38 -17.66 1.05
N LYS B 132 -2.68 -16.36 1.22
CA LYS B 132 -3.46 -15.94 2.38
C LYS B 132 -4.78 -16.68 2.45
N GLY B 133 -5.37 -17.02 1.30
CA GLY B 133 -6.63 -17.73 1.29
C GLY B 133 -6.49 -19.16 1.76
N ILE B 134 -5.43 -19.84 1.34
CA ILE B 134 -5.16 -21.18 1.85
C ILE B 134 -5.00 -21.13 3.37
N SER B 135 -4.22 -20.17 3.85
CA SER B 135 -4.00 -20.04 5.29
C SER B 135 -5.32 -19.83 6.01
N GLN B 136 -6.12 -18.87 5.53
CA GLN B 136 -7.37 -18.54 6.21
C GLN B 136 -8.37 -19.68 6.14
N VAL B 137 -8.38 -20.42 5.02
CA VAL B 137 -9.32 -21.52 4.87
C VAL B 137 -8.97 -22.64 5.84
N LEU B 138 -7.71 -23.04 5.88
CA LEU B 138 -7.30 -24.06 6.84
C LEU B 138 -7.59 -23.62 8.26
N THR B 139 -7.26 -22.36 8.58
CA THR B 139 -7.57 -21.80 9.88
C THR B 139 -9.05 -21.97 10.21
N ALA B 140 -9.92 -21.36 9.40
CA ALA B 140 -11.35 -21.35 9.67
C ALA B 140 -12.00 -22.72 9.58
N MET B 141 -11.34 -23.69 8.96
CA MET B 141 -11.91 -25.02 8.83
C MET B 141 -11.32 -26.02 9.81
N VAL B 142 -10.32 -25.64 10.59
CA VAL B 142 -9.79 -26.52 11.61
C VAL B 142 -9.85 -25.87 12.98
N PHE B 143 -9.87 -24.53 13.02
CA PHE B 143 -9.84 -23.81 14.28
C PHE B 143 -11.20 -23.32 14.74
N HIS B 144 -12.13 -23.13 13.83
CA HIS B 144 -13.36 -22.42 14.16
C HIS B 144 -14.62 -23.18 13.79
N ILE B 145 -14.57 -24.04 12.78
CA ILE B 145 -15.78 -24.69 12.28
C ILE B 145 -15.86 -26.12 12.79
N ILE B 146 -14.87 -26.94 12.46
CA ILE B 146 -14.86 -28.33 12.92
C ILE B 146 -14.93 -28.41 14.43
N PRO B 147 -14.14 -27.64 15.19
CA PRO B 147 -14.20 -27.76 16.65
C PRO B 147 -15.56 -27.38 17.21
N ILE B 148 -16.12 -26.25 16.77
CA ILE B 148 -17.39 -25.82 17.32
C ILE B 148 -18.51 -26.77 16.90
N SER B 149 -18.40 -27.38 15.73
CA SER B 149 -19.38 -28.38 15.32
C SER B 149 -19.32 -29.60 16.22
N PHE B 150 -18.11 -30.11 16.44
CA PHE B 150 -17.95 -31.23 17.37
C PHE B 150 -18.49 -30.87 18.75
N GLU B 151 -18.25 -29.64 19.20
CA GLU B 151 -18.70 -29.24 20.53
C GLU B 151 -20.21 -29.13 20.59
N ILE B 152 -20.83 -28.58 19.55
CA ILE B 152 -22.29 -28.49 19.51
C ILE B 152 -22.90 -29.87 19.55
N SER B 153 -22.33 -30.81 18.79
CA SER B 153 -22.85 -32.17 18.80
C SER B 153 -22.71 -32.79 20.19
N VAL B 154 -21.54 -32.64 20.81
CA VAL B 154 -21.32 -33.19 22.13
C VAL B 154 -22.29 -32.58 23.14
N VAL B 155 -22.51 -31.27 23.05
CA VAL B 155 -23.39 -30.59 23.98
C VAL B 155 -24.82 -31.08 23.82
N CYS B 156 -25.29 -31.17 22.58
CA CYS B 156 -26.65 -31.65 22.35
C CYS B 156 -26.80 -33.08 22.87
N GLY B 157 -25.78 -33.92 22.66
CA GLY B 157 -25.86 -35.27 23.18
C GLY B 157 -25.89 -35.31 24.70
N ILE B 158 -25.07 -34.48 25.34
CA ILE B 158 -25.05 -34.43 26.79
C ILE B 158 -26.40 -34.02 27.33
N LEU B 159 -26.93 -32.90 26.82
CA LEU B 159 -28.19 -32.37 27.32
C LEU B 159 -29.37 -33.25 26.93
N THR B 160 -29.22 -34.11 25.92
CA THR B 160 -30.28 -35.03 25.55
C THR B 160 -30.26 -36.27 26.43
N TYR B 161 -29.08 -36.76 26.76
CA TYR B 161 -28.99 -37.96 27.60
C TYR B 161 -29.27 -37.64 29.06
N GLN B 162 -28.56 -36.66 29.62
CA GLN B 162 -28.67 -36.39 31.05
C GLN B 162 -30.09 -35.95 31.42
N PHE B 163 -30.61 -34.93 30.74
CA PHE B 163 -31.82 -34.25 31.18
C PHE B 163 -33.00 -34.46 30.24
N GLY B 164 -32.86 -34.12 28.97
CA GLY B 164 -33.96 -34.27 28.03
C GLY B 164 -33.66 -33.57 26.72
N ALA B 165 -34.60 -33.72 25.79
CA ALA B 165 -34.42 -33.19 24.45
C ALA B 165 -34.76 -31.71 24.35
N SER B 166 -35.54 -31.18 25.29
CA SER B 166 -35.91 -29.77 25.25
C SER B 166 -34.68 -28.88 25.22
N PHE B 167 -33.69 -29.20 26.04
CA PHE B 167 -32.49 -28.37 26.12
C PHE B 167 -31.70 -28.42 24.82
N ALA B 168 -31.59 -29.60 24.22
CA ALA B 168 -30.90 -29.71 22.95
C ALA B 168 -31.62 -28.93 21.88
N ALA B 169 -32.95 -29.01 21.85
CA ALA B 169 -33.73 -28.22 20.90
C ALA B 169 -33.44 -26.74 21.07
N ILE B 170 -33.53 -26.24 22.30
CA ILE B 170 -33.30 -24.82 22.53
C ILE B 170 -31.90 -24.43 22.12
N THR B 171 -30.91 -25.27 22.41
CA THR B 171 -29.52 -24.92 22.11
C THR B 171 -29.27 -24.88 20.61
N PHE B 172 -29.74 -25.89 19.89
CA PHE B 172 -29.55 -25.92 18.44
C PHE B 172 -30.30 -24.77 17.77
N SER B 173 -31.52 -24.48 18.22
CA SER B 173 -32.25 -23.34 17.68
C SER B 173 -31.50 -22.04 17.94
N THR B 174 -30.98 -21.87 19.15
CA THR B 174 -30.20 -20.70 19.48
C THR B 174 -28.99 -20.58 18.57
N MET B 175 -28.33 -21.70 18.28
CA MET B 175 -27.16 -21.66 17.41
C MET B 175 -27.54 -21.23 16.01
N LEU B 176 -28.63 -21.79 15.48
CA LEU B 176 -29.12 -21.37 14.17
C LEU B 176 -29.37 -19.87 14.14
N LEU B 177 -30.15 -19.38 15.09
CA LEU B 177 -30.48 -17.95 15.15
C LEU B 177 -29.21 -17.11 15.20
N TYR B 178 -28.31 -17.43 16.13
CA TYR B 178 -27.07 -16.68 16.26
C TYR B 178 -26.32 -16.65 14.94
N SER B 179 -26.19 -17.80 14.30
CA SER B 179 -25.42 -17.88 13.07
C SER B 179 -25.99 -16.97 12.00
N ILE B 180 -27.29 -17.14 11.67
CA ILE B 180 -27.86 -16.38 10.57
C ILE B 180 -27.85 -14.89 10.89
N PHE B 181 -28.18 -14.53 12.13
CA PHE B 181 -28.15 -13.14 12.55
C PHE B 181 -26.76 -12.55 12.33
N THR B 182 -25.73 -13.24 12.81
CA THR B 182 -24.37 -12.74 12.67
C THR B 182 -24.01 -12.54 11.20
N ILE B 183 -24.34 -13.54 10.36
CA ILE B 183 -24.00 -13.46 8.95
C ILE B 183 -24.61 -12.20 8.33
N LYS B 184 -25.91 -12.04 8.47
CA LYS B 184 -26.60 -10.93 7.81
C LYS B 184 -26.09 -9.59 8.34
N THR B 185 -26.01 -9.45 9.66
CA THR B 185 -25.55 -8.19 10.24
C THR B 185 -24.11 -7.89 9.83
N THR B 186 -23.31 -8.93 9.58
CA THR B 186 -21.94 -8.69 9.13
C THR B 186 -21.91 -8.19 7.70
N ALA B 187 -22.79 -8.71 6.85
CA ALA B 187 -22.93 -8.14 5.51
C ALA B 187 -23.25 -6.64 5.59
N TRP B 188 -24.25 -6.30 6.40
CA TRP B 188 -24.60 -4.92 6.68
C TRP B 188 -23.36 -4.08 7.06
N ARG B 189 -22.68 -4.50 8.12
CA ARG B 189 -21.52 -3.76 8.59
C ARG B 189 -20.44 -3.66 7.52
N THR B 190 -20.35 -4.66 6.65
CA THR B 190 -19.36 -4.61 5.59
C THR B 190 -19.70 -3.52 4.57
N HIS B 191 -20.98 -3.37 4.26
CA HIS B 191 -21.39 -2.25 3.42
C HIS B 191 -20.92 -0.94 4.04
N PHE B 192 -21.15 -0.79 5.34
CA PHE B 192 -20.78 0.47 6.00
C PHE B 192 -19.26 0.68 5.96
N ARG B 193 -18.49 -0.37 6.23
CA ARG B 193 -17.04 -0.26 6.20
C ARG B 193 -16.55 0.14 4.82
N ARG B 194 -17.15 -0.44 3.78
CA ARG B 194 -16.81 -0.04 2.41
C ARG B 194 -17.01 1.45 2.22
N ASP B 195 -18.18 1.95 2.59
CA ASP B 195 -18.44 3.38 2.42
C ASP B 195 -17.40 4.21 3.16
N ALA B 196 -17.04 3.80 4.38
CA ALA B 196 -16.09 4.57 5.16
C ALA B 196 -14.72 4.61 4.50
N ASN B 197 -14.23 3.46 4.05
CA ASN B 197 -12.92 3.43 3.40
C ASN B 197 -12.92 4.28 2.15
N LYS B 198 -14.01 4.23 1.37
CA LYS B 198 -14.11 5.08 0.19
C LYS B 198 -13.96 6.55 0.57
N ALA B 199 -14.76 7.01 1.54
CA ALA B 199 -14.76 8.42 1.87
C ALA B 199 -13.51 8.85 2.61
N ASP B 200 -12.70 7.91 3.12
CA ASP B 200 -11.42 8.29 3.70
C ASP B 200 -10.35 8.40 2.63
N ASN B 201 -10.31 7.44 1.70
CA ASN B 201 -9.38 7.55 0.58
C ASN B 201 -9.62 8.84 -0.20
N LYS B 202 -10.89 9.22 -0.34
CA LYS B 202 -11.21 10.47 -1.03
C LYS B 202 -10.56 11.66 -0.34
N ALA B 203 -10.74 11.77 0.98
CA ALA B 203 -10.17 12.88 1.71
C ALA B 203 -8.66 12.89 1.64
N ALA B 204 -8.04 11.71 1.71
CA ALA B 204 -6.59 11.65 1.61
C ALA B 204 -6.13 12.13 0.23
N SER B 205 -6.83 11.71 -0.82
CA SER B 205 -6.48 12.17 -2.16
C SER B 205 -6.60 13.69 -2.26
N VAL B 206 -7.62 14.26 -1.62
CA VAL B 206 -7.78 15.71 -1.66
C VAL B 206 -6.62 16.39 -0.95
N ALA B 207 -6.28 15.92 0.25
CA ALA B 207 -5.18 16.51 0.99
C ALA B 207 -3.90 16.46 0.16
N LEU B 208 -3.62 15.32 -0.45
CA LEU B 208 -2.45 15.21 -1.31
C LEU B 208 -2.50 16.23 -2.44
N ASP B 209 -3.54 16.14 -3.28
CA ASP B 209 -3.67 17.03 -4.42
C ASP B 209 -3.60 18.50 -4.03
N SER B 210 -3.88 18.83 -2.78
CA SER B 210 -3.83 20.21 -2.34
C SER B 210 -2.47 20.62 -1.77
N LEU B 211 -1.76 19.70 -1.13
CA LEU B 211 -0.44 20.03 -0.59
C LEU B 211 0.65 19.97 -1.64
N ILE B 212 0.55 19.04 -2.60
CA ILE B 212 1.51 18.98 -3.68
C ILE B 212 1.47 20.26 -4.50
N ASN B 213 0.27 20.74 -4.82
CA ASN B 213 0.07 21.93 -5.65
C ASN B 213 -0.22 23.15 -4.81
N PHE B 214 0.40 23.27 -3.64
CA PHE B 214 0.14 24.40 -2.76
C PHE B 214 0.32 25.73 -3.48
N GLU B 215 1.35 25.83 -4.31
CA GLU B 215 1.58 27.07 -5.04
C GLU B 215 0.35 27.49 -5.82
N ALA B 216 -0.22 26.58 -6.61
CA ALA B 216 -1.41 26.89 -7.37
C ALA B 216 -2.64 27.02 -6.51
N VAL B 217 -2.68 26.33 -5.36
CA VAL B 217 -3.77 26.52 -4.43
C VAL B 217 -3.79 27.96 -3.92
N LYS B 218 -2.62 28.58 -3.82
CA LYS B 218 -2.54 29.94 -3.30
C LYS B 218 -2.51 30.99 -4.39
N TYR B 219 -2.05 30.63 -5.59
CA TYR B 219 -2.01 31.60 -6.68
C TYR B 219 -3.40 32.08 -7.07
N PHE B 220 -4.44 31.36 -6.65
CA PHE B 220 -5.81 31.69 -6.99
C PHE B 220 -6.67 31.95 -5.76
N ASN B 221 -6.10 31.91 -4.56
CA ASN B 221 -6.79 32.11 -3.30
C ASN B 221 -7.77 30.99 -2.96
N ASN B 222 -7.76 29.91 -3.74
CA ASN B 222 -8.69 28.80 -3.55
C ASN B 222 -8.18 27.82 -2.48
N GLU B 223 -8.22 28.29 -1.24
CA GLU B 223 -7.94 27.44 -0.09
C GLU B 223 -9.19 27.14 0.73
N LYS B 224 -10.15 28.06 0.76
CA LYS B 224 -11.40 27.81 1.45
C LYS B 224 -12.22 26.74 0.74
N TYR B 225 -12.28 26.79 -0.58
CA TYR B 225 -12.94 25.73 -1.35
C TYR B 225 -12.33 24.37 -1.03
N LEU B 226 -11.01 24.31 -0.91
CA LEU B 226 -10.36 23.05 -0.60
C LEU B 226 -10.71 22.59 0.81
N ALA B 227 -10.64 23.50 1.78
CA ALA B 227 -11.03 23.15 3.14
C ALA B 227 -12.47 22.66 3.19
N ASP B 228 -13.33 23.21 2.34
CA ASP B 228 -14.74 22.81 2.36
C ASP B 228 -14.95 21.45 1.72
N LYS B 229 -14.25 21.17 0.62
CA LYS B 229 -14.28 19.82 0.07
C LYS B 229 -13.79 18.81 1.10
N TYR B 230 -12.71 19.16 1.80
CA TYR B 230 -12.17 18.27 2.84
C TYR B 230 -13.19 18.08 3.96
N ASN B 231 -13.87 19.15 4.35
CA ASN B 231 -14.87 19.04 5.41
C ASN B 231 -16.02 18.15 4.98
N GLY B 232 -16.45 18.27 3.74
CA GLY B 232 -17.53 17.40 3.26
C GLY B 232 -17.12 15.94 3.27
N SER B 233 -15.94 15.64 2.74
CA SER B 233 -15.49 14.25 2.73
C SER B 233 -15.32 13.73 4.15
N LEU B 234 -14.80 14.56 5.04
CA LEU B 234 -14.60 14.14 6.42
C LEU B 234 -15.92 13.92 7.13
N MET B 235 -16.93 14.72 6.80
CA MET B 235 -18.25 14.52 7.39
C MET B 235 -18.86 13.21 6.92
N ASN B 236 -18.71 12.90 5.63
CA ASN B 236 -19.18 11.61 5.14
C ASN B 236 -18.49 10.46 5.86
N TYR B 237 -17.17 10.56 6.02
CA TYR B 237 -16.43 9.52 6.72
C TYR B 237 -16.87 9.41 8.17
N ARG B 238 -17.10 10.56 8.82
CA ARG B 238 -17.58 10.57 10.19
C ARG B 238 -18.90 9.82 10.30
N ASP B 239 -19.89 10.21 9.50
CA ASP B 239 -21.19 9.56 9.56
C ASP B 239 -21.07 8.07 9.29
N SER B 240 -20.21 7.69 8.34
CA SER B 240 -20.06 6.27 8.03
C SER B 240 -19.50 5.51 9.21
N GLN B 241 -18.52 6.07 9.92
CA GLN B 241 -17.97 5.38 11.07
C GLN B 241 -18.96 5.36 12.22
N ILE B 242 -19.74 6.42 12.38
CA ILE B 242 -20.84 6.41 13.35
C ILE B 242 -21.72 5.20 13.10
N LYS B 243 -22.13 5.02 11.85
CA LYS B 243 -23.04 3.93 11.53
C LYS B 243 -22.35 2.58 11.71
N VAL B 244 -21.05 2.49 11.42
CA VAL B 244 -20.32 1.26 11.66
C VAL B 244 -20.36 0.89 13.13
N SER B 245 -20.10 1.87 14.00
CA SER B 245 -20.09 1.59 15.43
C SER B 245 -21.47 1.22 15.94
N GLN B 246 -22.50 1.96 15.51
CA GLN B 246 -23.86 1.61 15.91
C GLN B 246 -24.24 0.21 15.46
N SER B 247 -23.81 -0.17 14.26
CA SER B 247 -24.13 -1.50 13.75
C SER B 247 -23.41 -2.58 14.54
N LEU B 248 -22.14 -2.34 14.88
CA LEU B 248 -21.42 -3.30 15.72
C LEU B 248 -22.08 -3.44 17.08
N ALA B 249 -22.56 -2.33 17.63
CA ALA B 249 -23.33 -2.38 18.86
C ALA B 249 -24.56 -3.27 18.70
N PHE B 250 -25.34 -3.02 17.65
CA PHE B 250 -26.51 -3.85 17.38
C PHE B 250 -26.13 -5.31 17.30
N LEU B 251 -25.04 -5.62 16.61
CA LEU B 251 -24.62 -7.00 16.42
C LEU B 251 -24.32 -7.67 17.75
N ASN B 252 -23.39 -7.10 18.51
CA ASN B 252 -23.00 -7.72 19.78
C ASN B 252 -24.18 -7.80 20.73
N SER B 253 -25.02 -6.77 20.77
CA SER B 253 -26.16 -6.78 21.66
C SER B 253 -27.15 -7.88 21.29
N GLY B 254 -27.40 -8.06 19.99
CA GLY B 254 -28.31 -9.11 19.58
C GLY B 254 -27.77 -10.49 19.88
N GLN B 255 -26.48 -10.69 19.66
CA GLN B 255 -25.87 -11.98 19.97
C GLN B 255 -26.00 -12.30 21.46
N ASN B 256 -25.67 -11.33 22.32
CA ASN B 256 -25.79 -11.56 23.75
C ASN B 256 -27.24 -11.72 24.16
N LEU B 257 -28.17 -11.06 23.47
CA LEU B 257 -29.58 -11.24 23.78
C LEU B 257 -30.01 -12.67 23.48
N ILE B 258 -29.58 -13.20 22.34
CA ILE B 258 -29.90 -14.56 21.97
C ILE B 258 -29.39 -15.53 23.04
N PHE B 259 -28.10 -15.47 23.33
CA PHE B 259 -27.55 -16.42 24.29
C PHE B 259 -28.11 -16.20 25.69
N THR B 260 -28.48 -14.96 26.03
CA THR B 260 -29.08 -14.70 27.33
C THR B 260 -30.46 -15.33 27.42
N THR B 261 -31.26 -15.23 26.35
CA THR B 261 -32.55 -15.88 26.34
C THR B 261 -32.39 -17.39 26.47
N ALA B 262 -31.41 -17.95 25.76
CA ALA B 262 -31.17 -19.39 25.89
C ALA B 262 -30.86 -19.76 27.33
N LEU B 263 -29.87 -19.07 27.94
CA LEU B 263 -29.46 -19.39 29.29
C LEU B 263 -30.60 -19.22 30.28
N THR B 264 -31.38 -18.15 30.15
CA THR B 264 -32.46 -17.90 31.08
C THR B 264 -33.57 -18.93 30.94
N ALA B 265 -33.93 -19.28 29.70
CA ALA B 265 -34.95 -20.29 29.50
C ALA B 265 -34.49 -21.64 30.03
N MET B 266 -33.20 -21.94 29.88
CA MET B 266 -32.69 -23.20 30.40
C MET B 266 -32.64 -23.20 31.92
N MET B 267 -32.37 -22.05 32.52
CA MET B 267 -32.44 -21.95 33.96
C MET B 267 -33.86 -22.18 34.45
N TYR B 268 -34.85 -21.65 33.72
CA TYR B 268 -36.24 -21.88 34.10
C TYR B 268 -36.61 -23.35 33.94
N MET B 269 -36.21 -23.98 32.85
CA MET B 269 -36.49 -25.39 32.65
C MET B 269 -35.85 -26.23 33.74
N GLY B 270 -34.58 -25.95 34.06
CA GLY B 270 -33.91 -26.67 35.13
C GLY B 270 -34.52 -26.44 36.49
N CYS B 271 -35.00 -25.22 36.75
CA CYS B 271 -35.60 -24.90 38.04
C CYS B 271 -36.99 -25.49 38.19
N THR B 272 -37.69 -25.73 37.09
CA THR B 272 -38.96 -26.44 37.15
C THR B 272 -38.78 -27.95 37.05
N GLY B 273 -37.59 -28.41 36.67
CA GLY B 273 -37.29 -29.83 36.71
C GLY B 273 -36.80 -30.26 38.07
N VAL B 274 -36.05 -29.37 38.73
CA VAL B 274 -35.57 -29.66 40.09
C VAL B 274 -36.75 -29.95 41.00
N ILE B 275 -37.92 -29.36 40.72
CA ILE B 275 -39.08 -29.61 41.55
C ILE B 275 -39.48 -31.07 41.51
N GLY B 276 -39.19 -31.75 40.40
CA GLY B 276 -39.51 -33.15 40.24
C GLY B 276 -38.48 -34.09 40.82
N GLY B 277 -37.59 -33.60 41.69
CA GLY B 277 -36.56 -34.44 42.25
C GLY B 277 -35.60 -35.03 41.25
N ASN B 278 -35.67 -34.62 39.98
CA ASN B 278 -34.81 -35.21 38.96
C ASN B 278 -33.39 -34.66 39.05
N LEU B 279 -33.25 -33.34 38.93
CA LEU B 279 -31.95 -32.70 38.84
C LEU B 279 -31.54 -32.13 40.21
N THR B 280 -30.42 -31.40 40.20
CA THR B 280 -29.93 -30.68 41.36
C THR B 280 -29.30 -29.38 40.90
N VAL B 281 -29.18 -28.44 41.83
CA VAL B 281 -28.67 -27.11 41.50
C VAL B 281 -27.41 -27.21 40.65
N GLY B 282 -26.57 -28.18 40.96
CA GLY B 282 -25.40 -28.41 40.13
C GLY B 282 -25.75 -28.59 38.68
N ASP B 283 -26.94 -29.11 38.39
CA ASP B 283 -27.36 -29.28 37.01
C ASP B 283 -27.65 -27.93 36.36
N LEU B 284 -28.24 -26.99 37.10
CA LEU B 284 -28.41 -25.65 36.58
C LEU B 284 -27.06 -25.05 36.24
N VAL B 285 -26.09 -25.21 37.13
CA VAL B 285 -24.75 -24.70 36.87
C VAL B 285 -24.18 -25.35 35.62
N LEU B 286 -24.31 -26.67 35.53
CA LEU B 286 -23.80 -27.43 34.40
C LEU B 286 -24.34 -26.89 33.09
N ILE B 287 -25.66 -26.70 33.04
CA ILE B 287 -26.30 -26.22 31.81
C ILE B 287 -25.80 -24.84 31.44
N ASN B 288 -25.89 -23.90 32.38
CA ASN B 288 -25.47 -22.54 32.09
C ASN B 288 -24.03 -22.50 31.61
N GLN B 289 -23.15 -23.28 32.25
CA GLN B 289 -21.73 -23.22 31.90
C GLN B 289 -21.47 -23.86 30.54
N LEU B 290 -22.13 -24.99 30.25
CA LEU B 290 -21.97 -25.60 28.94
C LEU B 290 -22.38 -24.63 27.84
N VAL B 291 -23.53 -23.99 27.99
CA VAL B 291 -24.00 -23.11 26.94
C VAL B 291 -23.10 -21.89 26.81
N PHE B 292 -22.61 -21.36 27.93
CA PHE B 292 -21.70 -20.22 27.83
C PHE B 292 -20.41 -20.62 27.14
N GLN B 293 -19.91 -21.82 27.42
CA GLN B 293 -18.72 -22.31 26.72
C GLN B 293 -18.99 -22.37 25.22
N LEU B 294 -20.16 -22.86 24.84
CA LEU B 294 -20.54 -22.83 23.43
C LEU B 294 -20.51 -21.41 22.89
N SER B 295 -20.91 -20.44 23.71
CA SER B 295 -21.01 -19.07 23.24
C SER B 295 -19.65 -18.43 23.04
N VAL B 296 -18.67 -18.77 23.87
CA VAL B 296 -17.39 -18.08 23.85
C VAL B 296 -16.78 -18.04 22.45
N PRO B 297 -16.58 -19.19 21.79
CA PRO B 297 -15.79 -19.19 20.56
C PRO B 297 -16.56 -18.88 19.28
N LEU B 298 -17.77 -18.34 19.39
CA LEU B 298 -18.60 -18.18 18.21
C LEU B 298 -18.43 -16.83 17.53
N ASN B 299 -18.02 -15.80 18.26
CA ASN B 299 -17.75 -14.51 17.63
C ASN B 299 -16.79 -14.68 16.47
N PHE B 300 -15.67 -15.37 16.71
CA PHE B 300 -14.65 -15.52 15.69
C PHE B 300 -15.20 -16.23 14.46
N LEU B 301 -15.86 -17.37 14.66
CA LEU B 301 -16.41 -18.11 13.54
C LEU B 301 -17.40 -17.25 12.75
N GLY B 302 -18.32 -16.58 13.44
CA GLY B 302 -19.26 -15.72 12.74
C GLY B 302 -18.56 -14.65 11.94
N SER B 303 -17.39 -14.20 12.40
CA SER B 303 -16.66 -13.18 11.66
C SER B 303 -15.98 -13.75 10.42
N VAL B 304 -15.29 -14.88 10.56
CA VAL B 304 -14.41 -15.36 9.49
C VAL B 304 -15.20 -15.73 8.25
N TYR B 305 -16.36 -16.39 8.42
CA TYR B 305 -17.16 -16.81 7.27
C TYR B 305 -17.30 -15.70 6.25
N ARG B 306 -17.30 -14.45 6.70
CA ARG B 306 -17.31 -13.33 5.77
C ARG B 306 -16.21 -13.46 4.72
N ASP B 307 -15.03 -13.93 5.13
CA ASP B 307 -13.87 -13.94 4.25
C ASP B 307 -13.61 -15.27 3.57
N LEU B 308 -14.39 -16.31 3.89
CA LEU B 308 -14.04 -17.64 3.41
C LEU B 308 -14.26 -17.79 1.92
N LYS B 309 -15.33 -17.19 1.39
CA LYS B 309 -15.68 -17.42 -0.02
C LYS B 309 -14.72 -16.69 -0.95
N GLN B 310 -14.39 -15.44 -0.61
CA GLN B 310 -13.36 -14.74 -1.38
C GLN B 310 -12.06 -15.52 -1.36
N SER B 311 -11.72 -16.13 -0.23
CA SER B 311 -10.50 -16.89 -0.13
C SER B 311 -10.55 -18.14 -0.99
N LEU B 312 -11.70 -18.81 -1.05
CA LEU B 312 -11.84 -19.96 -1.94
C LEU B 312 -11.69 -19.54 -3.40
N ILE B 313 -12.26 -18.40 -3.76
CA ILE B 313 -12.12 -17.90 -5.12
C ILE B 313 -10.65 -17.64 -5.44
N ASP B 314 -9.94 -17.00 -4.50
CA ASP B 314 -8.52 -16.75 -4.69
C ASP B 314 -7.74 -18.05 -4.82
N MET B 315 -8.08 -19.05 -4.01
CA MET B 315 -7.39 -20.34 -4.11
C MET B 315 -7.58 -20.96 -5.47
N GLU B 316 -8.82 -20.92 -5.98
CA GLU B 316 -9.05 -21.49 -7.31
C GLU B 316 -8.27 -20.73 -8.37
N THR B 317 -8.30 -19.40 -8.30
CA THR B 317 -7.48 -18.60 -9.22
C THR B 317 -6.04 -19.06 -9.20
N LEU B 318 -5.44 -19.13 -8.00
CA LEU B 318 -4.05 -19.51 -7.88
C LEU B 318 -3.80 -20.90 -8.47
N PHE B 319 -4.51 -21.91 -7.96
CA PHE B 319 -4.35 -23.26 -8.47
C PHE B 319 -4.56 -23.34 -9.97
N LYS B 320 -5.21 -22.36 -10.57
CA LYS B 320 -5.40 -22.38 -12.02
C LYS B 320 -4.10 -22.09 -12.77
N LEU B 321 -3.20 -21.29 -12.19
CA LEU B 321 -1.99 -20.90 -12.89
C LEU B 321 -1.10 -22.09 -13.22
N ARG B 322 -1.33 -23.23 -12.60
CA ARG B 322 -0.56 -24.43 -12.86
C ARG B 322 -1.29 -25.40 -13.78
N LYS B 323 -2.52 -25.07 -14.17
CA LYS B 323 -3.26 -25.87 -15.14
C LYS B 323 -2.98 -25.44 -16.57
N ASN B 324 -2.55 -24.20 -16.78
CA ASN B 324 -2.16 -23.73 -18.11
C ASN B 324 -1.16 -24.69 -18.72
N GLU B 325 -1.14 -24.76 -20.05
CA GLU B 325 -0.29 -25.71 -20.76
C GLU B 325 0.83 -24.98 -21.47
N VAL B 326 1.95 -25.68 -21.64
CA VAL B 326 3.11 -25.13 -22.33
C VAL B 326 3.08 -25.60 -23.78
N LYS B 327 3.19 -24.65 -24.71
CA LYS B 327 3.23 -24.97 -26.12
C LYS B 327 4.66 -25.22 -26.60
N ILE B 328 5.62 -24.50 -26.03
CA ILE B 328 7.04 -24.70 -26.35
C ILE B 328 7.55 -25.75 -25.37
N LYS B 329 7.55 -27.00 -25.80
CA LYS B 329 7.98 -28.12 -25.00
C LYS B 329 9.15 -28.82 -25.67
N ASN B 330 9.90 -29.56 -24.88
CA ASN B 330 11.03 -30.33 -25.40
C ASN B 330 10.49 -31.47 -26.25
N ALA B 331 10.55 -31.31 -27.56
CA ALA B 331 9.99 -32.30 -28.47
C ALA B 331 10.62 -33.66 -28.22
N GLU B 332 9.94 -34.70 -28.71
CA GLU B 332 10.38 -36.07 -28.48
C GLU B 332 11.82 -36.26 -28.95
N ARG B 333 12.51 -37.19 -28.29
CA ARG B 333 13.93 -37.46 -28.56
C ARG B 333 14.76 -36.20 -28.38
N PRO B 334 14.83 -35.63 -27.19
CA PRO B 334 15.72 -34.49 -26.97
C PRO B 334 17.18 -34.89 -27.15
N LEU B 335 17.96 -34.00 -27.72
CA LEU B 335 19.36 -34.24 -28.01
C LEU B 335 20.22 -33.17 -27.34
N MET B 336 21.52 -33.23 -27.64
CA MET B 336 22.49 -32.24 -27.19
C MET B 336 23.30 -31.78 -28.39
N LEU B 337 23.58 -30.49 -28.45
CA LEU B 337 24.31 -29.94 -29.58
C LEU B 337 25.66 -30.64 -29.72
N PRO B 338 26.23 -30.65 -30.93
CA PRO B 338 27.58 -31.22 -31.08
C PRO B 338 28.57 -30.64 -30.09
N GLU B 339 28.47 -29.34 -29.80
CA GLU B 339 29.32 -28.69 -28.81
C GLU B 339 30.79 -28.95 -29.07
N ASN B 340 31.15 -29.16 -30.34
CA ASN B 340 32.55 -29.33 -30.73
C ASN B 340 32.90 -28.64 -32.03
N VAL B 341 31.99 -27.88 -32.63
CA VAL B 341 32.23 -27.24 -33.92
C VAL B 341 31.47 -25.93 -33.96
N PRO B 342 31.85 -25.03 -34.88
CA PRO B 342 31.11 -23.78 -35.03
C PRO B 342 29.66 -24.04 -35.40
N TYR B 343 28.84 -23.00 -35.24
CA TYR B 343 27.39 -23.11 -35.35
C TYR B 343 26.86 -22.20 -36.45
N ASP B 344 25.73 -22.61 -37.02
CA ASP B 344 25.02 -21.84 -38.03
C ASP B 344 23.54 -21.76 -37.65
N ILE B 345 22.87 -20.76 -38.20
CA ILE B 345 21.45 -20.55 -37.92
C ILE B 345 20.69 -20.45 -39.24
N THR B 346 21.15 -21.18 -40.24
CA THR B 346 20.52 -21.16 -41.55
C THR B 346 19.01 -21.29 -41.44
N PHE B 347 18.30 -20.28 -41.93
CA PHE B 347 16.85 -20.33 -42.01
C PHE B 347 16.43 -20.97 -43.33
N GLU B 348 15.13 -21.26 -43.44
CA GLU B 348 14.59 -21.85 -44.66
C GLU B 348 13.08 -21.65 -44.68
N ASN B 349 12.59 -20.91 -45.67
CA ASN B 349 11.16 -20.74 -45.91
C ASN B 349 10.41 -20.45 -44.62
N VAL B 350 10.85 -19.40 -43.94
CA VAL B 350 10.28 -19.02 -42.67
C VAL B 350 9.07 -18.12 -42.90
N THR B 351 8.12 -18.16 -41.96
CA THR B 351 6.92 -17.34 -42.00
C THR B 351 6.35 -17.30 -40.59
N PHE B 352 6.32 -16.11 -40.00
CA PHE B 352 5.99 -16.01 -38.59
C PHE B 352 5.40 -14.64 -38.28
N GLY B 353 4.46 -14.64 -37.34
CA GLY B 353 3.84 -13.42 -36.86
C GLY B 353 3.20 -13.63 -35.50
N TYR B 354 3.29 -12.62 -34.63
CA TYR B 354 2.77 -12.77 -33.28
C TYR B 354 1.29 -13.11 -33.29
N HIS B 355 0.47 -12.20 -33.82
CA HIS B 355 -0.95 -12.44 -34.00
C HIS B 355 -1.20 -12.94 -35.42
N PRO B 356 -1.97 -14.02 -35.62
CA PRO B 356 -2.09 -14.59 -36.97
C PRO B 356 -2.69 -13.63 -38.00
N ASP B 357 -3.11 -12.43 -37.62
CA ASP B 357 -3.74 -11.53 -38.56
C ASP B 357 -2.71 -10.72 -39.35
N ARG B 358 -1.76 -10.10 -38.67
CA ARG B 358 -0.77 -9.23 -39.29
C ARG B 358 0.59 -9.92 -39.22
N LYS B 359 0.95 -10.60 -40.30
CA LYS B 359 2.27 -11.24 -40.37
C LYS B 359 3.36 -10.18 -40.45
N ILE B 360 4.45 -10.43 -39.73
CA ILE B 360 5.56 -9.48 -39.65
C ILE B 360 6.78 -9.96 -40.42
N LEU B 361 7.02 -11.27 -40.48
CA LEU B 361 8.19 -11.85 -41.13
C LEU B 361 7.69 -12.88 -42.13
N LYS B 362 7.91 -12.62 -43.41
CA LYS B 362 7.26 -13.35 -44.49
C LYS B 362 8.31 -13.99 -45.41
N ASN B 363 8.17 -15.30 -45.62
CA ASN B 363 8.99 -16.04 -46.58
C ASN B 363 10.46 -15.65 -46.50
N ALA B 364 10.96 -15.49 -45.29
CA ALA B 364 12.37 -15.19 -45.09
C ALA B 364 13.21 -16.45 -45.27
N SER B 365 14.33 -16.30 -45.98
CA SER B 365 15.26 -17.40 -46.18
C SER B 365 16.66 -16.82 -46.29
N PHE B 366 17.39 -16.79 -45.18
CA PHE B 366 18.75 -16.26 -45.18
C PHE B 366 19.71 -17.23 -44.51
N THR B 367 20.95 -16.80 -44.29
CA THR B 367 21.98 -17.66 -43.76
C THR B 367 22.88 -16.87 -42.82
N ILE B 368 23.04 -17.36 -41.60
CA ILE B 368 23.99 -16.81 -40.64
C ILE B 368 25.18 -17.75 -40.57
N PRO B 369 26.26 -17.50 -41.31
CA PRO B 369 27.34 -18.49 -41.39
C PRO B 369 28.15 -18.59 -40.10
N ALA B 370 29.19 -19.39 -40.14
CA ALA B 370 30.00 -19.67 -38.96
C ALA B 370 31.10 -18.63 -38.80
N GLY B 371 31.22 -18.09 -37.59
CA GLY B 371 32.30 -17.19 -37.25
C GLY B 371 32.29 -15.89 -38.01
N TRP B 372 31.18 -15.58 -38.67
CA TRP B 372 31.02 -14.34 -39.42
C TRP B 372 30.02 -13.45 -38.69
N LYS B 373 30.49 -12.30 -38.22
CA LYS B 373 29.67 -11.42 -37.38
C LYS B 373 28.61 -10.74 -38.24
N THR B 374 27.54 -11.49 -38.49
CA THR B 374 26.47 -11.00 -39.34
C THR B 374 25.77 -9.82 -38.67
N ALA B 375 25.08 -9.03 -39.49
CA ALA B 375 24.38 -7.84 -39.01
C ALA B 375 23.03 -7.74 -39.69
N ILE B 376 21.97 -7.73 -38.89
CA ILE B 376 20.62 -7.55 -39.37
C ILE B 376 20.28 -6.07 -39.29
N VAL B 377 19.48 -5.58 -40.24
CA VAL B 377 19.08 -4.18 -40.24
C VAL B 377 17.81 -4.03 -41.06
N GLY B 378 16.98 -3.09 -40.65
CA GLY B 378 15.71 -2.82 -41.31
C GLY B 378 14.96 -1.70 -40.63
N SER B 379 13.67 -1.88 -40.41
CA SER B 379 12.83 -0.94 -39.69
C SER B 379 12.18 -1.63 -38.50
N SER B 380 11.80 -0.84 -37.51
CA SER B 380 11.14 -1.39 -36.32
C SER B 380 9.74 -1.85 -36.70
N GLY B 381 9.60 -3.12 -37.05
CA GLY B 381 8.36 -3.65 -37.57
C GLY B 381 8.59 -4.46 -38.83
N SER B 382 9.81 -4.37 -39.37
CA SER B 382 10.20 -5.16 -40.53
C SER B 382 10.69 -6.55 -40.17
N GLY B 383 10.61 -6.93 -38.90
CA GLY B 383 11.02 -8.25 -38.48
C GLY B 383 12.51 -8.40 -38.29
N LYS B 384 13.08 -7.62 -37.38
CA LYS B 384 14.47 -7.77 -36.98
C LYS B 384 14.67 -7.90 -35.48
N SER B 385 13.71 -7.45 -34.68
CA SER B 385 13.71 -7.72 -33.25
C SER B 385 13.04 -9.05 -32.92
N THR B 386 12.86 -9.92 -33.91
CA THR B 386 12.13 -11.16 -33.75
C THR B 386 12.98 -12.38 -34.05
N ILE B 387 14.04 -12.22 -34.83
CA ILE B 387 14.93 -13.34 -35.13
C ILE B 387 15.43 -13.98 -33.85
N LEU B 388 15.76 -13.15 -32.86
CA LEU B 388 16.18 -13.67 -31.57
C LEU B 388 15.09 -14.55 -30.96
N LYS B 389 13.92 -13.97 -30.70
CA LYS B 389 12.83 -14.71 -30.09
C LYS B 389 12.52 -15.99 -30.85
N LEU B 390 12.83 -16.03 -32.13
CA LEU B 390 12.55 -17.21 -32.96
C LEU B 390 13.67 -18.22 -32.96
N VAL B 391 14.90 -17.81 -32.66
CA VAL B 391 16.03 -18.75 -32.60
C VAL B 391 16.22 -19.20 -31.17
N PHE B 392 15.88 -18.33 -30.23
CA PHE B 392 15.94 -18.68 -28.82
C PHE B 392 14.77 -19.56 -28.39
N ARG B 393 13.86 -19.86 -29.32
CA ARG B 393 12.75 -20.79 -29.06
C ARG B 393 11.79 -20.25 -28.00
N PHE B 394 11.47 -18.97 -28.12
CA PHE B 394 10.34 -18.42 -27.40
C PHE B 394 9.04 -18.58 -28.18
N TYR B 395 9.13 -18.74 -29.50
CA TYR B 395 8.01 -19.03 -30.36
C TYR B 395 8.45 -20.08 -31.37
N ASP B 396 7.55 -20.42 -32.28
CA ASP B 396 7.80 -21.43 -33.30
C ASP B 396 7.51 -20.86 -34.68
N PRO B 397 8.07 -21.46 -35.73
CA PRO B 397 7.81 -20.97 -37.08
C PRO B 397 6.56 -21.58 -37.68
N GLU B 398 5.77 -20.78 -38.40
CA GLU B 398 4.61 -21.27 -39.11
C GLU B 398 5.06 -21.71 -40.50
N SER B 399 5.20 -23.02 -40.68
CA SER B 399 5.73 -23.59 -41.92
C SER B 399 7.14 -23.03 -42.20
N GLY B 400 7.98 -23.06 -41.18
CA GLY B 400 9.35 -22.63 -41.32
C GLY B 400 10.29 -23.61 -40.66
N ARG B 401 11.55 -23.55 -41.09
CA ARG B 401 12.59 -24.47 -40.63
C ARG B 401 13.78 -23.65 -40.13
N ILE B 402 13.98 -23.65 -38.82
CA ILE B 402 15.12 -22.98 -38.20
C ILE B 402 16.25 -24.00 -38.16
N LEU B 403 16.99 -24.10 -39.25
CA LEU B 403 18.01 -25.13 -39.41
C LEU B 403 19.31 -24.68 -38.75
N ILE B 404 19.77 -25.43 -37.76
CA ILE B 404 21.09 -25.26 -37.18
C ILE B 404 21.95 -26.45 -37.58
N ASN B 405 23.11 -26.19 -38.15
CA ASN B 405 24.07 -27.23 -38.50
C ASN B 405 23.38 -28.35 -39.29
N GLY B 406 22.52 -27.97 -40.21
CA GLY B 406 21.81 -28.95 -41.01
C GLY B 406 20.79 -29.76 -40.25
N ARG B 407 20.35 -29.27 -39.09
CA ARG B 407 19.36 -29.98 -38.29
C ARG B 407 18.39 -28.96 -37.71
N ASP B 408 17.11 -29.33 -37.68
CA ASP B 408 16.07 -28.42 -37.23
C ASP B 408 16.31 -28.00 -35.79
N ILE B 409 15.61 -26.95 -35.38
CA ILE B 409 15.72 -26.45 -34.01
C ILE B 409 14.73 -27.12 -33.07
N LYS B 410 13.60 -27.60 -33.59
CA LYS B 410 12.59 -28.29 -32.78
C LYS B 410 13.00 -29.71 -32.44
N GLU B 411 14.26 -30.07 -32.69
CA GLU B 411 14.78 -31.41 -32.40
C GLU B 411 15.70 -31.45 -31.20
N TYR B 412 16.23 -30.32 -30.77
CA TYR B 412 17.16 -30.27 -29.65
C TYR B 412 16.42 -29.90 -28.35
N ASP B 413 17.15 -30.01 -27.24
CA ASP B 413 16.62 -29.57 -25.97
C ASP B 413 16.63 -28.05 -25.89
N ILE B 414 15.47 -27.47 -25.59
CA ILE B 414 15.37 -26.02 -25.54
C ILE B 414 16.45 -25.44 -24.64
N ASP B 415 16.80 -26.14 -23.57
CA ASP B 415 17.81 -25.63 -22.65
C ASP B 415 19.22 -25.83 -23.19
N ALA B 416 19.47 -26.97 -23.83
CA ALA B 416 20.75 -27.18 -24.49
C ALA B 416 21.00 -26.15 -25.58
N LEU B 417 19.96 -25.47 -26.02
CA LEU B 417 20.07 -24.39 -27.00
C LEU B 417 20.24 -23.05 -26.31
N ARG B 418 19.29 -22.69 -25.44
CA ARG B 418 19.36 -21.45 -24.69
C ARG B 418 20.63 -21.33 -23.86
N LYS B 419 21.38 -22.43 -23.68
CA LYS B 419 22.61 -22.37 -22.91
C LYS B 419 23.80 -21.97 -23.76
N VAL B 420 23.69 -22.01 -25.09
CA VAL B 420 24.77 -21.63 -25.98
C VAL B 420 24.28 -20.50 -26.88
N ILE B 421 23.39 -19.67 -26.36
CA ILE B 421 22.82 -18.54 -27.09
C ILE B 421 22.82 -17.37 -26.12
N GLY B 422 23.75 -16.45 -26.28
CA GLY B 422 23.87 -15.30 -25.43
C GLY B 422 23.33 -14.06 -26.11
N VAL B 423 22.91 -13.08 -25.32
CA VAL B 423 22.28 -11.88 -25.83
C VAL B 423 22.72 -10.68 -25.02
N VAL B 424 22.90 -9.56 -25.71
CA VAL B 424 23.08 -8.25 -25.09
C VAL B 424 21.81 -7.46 -25.38
N PRO B 425 20.84 -7.44 -24.48
CA PRO B 425 19.57 -6.78 -24.79
C PRO B 425 19.70 -5.27 -24.77
N GLN B 426 18.69 -4.62 -25.38
CA GLN B 426 18.68 -3.18 -25.48
C GLN B 426 18.64 -2.53 -24.10
N ASP B 427 17.56 -2.76 -23.36
CA ASP B 427 17.38 -2.20 -22.02
C ASP B 427 17.52 -3.35 -21.03
N THR B 428 18.76 -3.63 -20.63
CA THR B 428 19.00 -4.70 -19.69
C THR B 428 18.33 -4.38 -18.35
N PRO B 429 17.94 -5.41 -17.60
CA PRO B 429 17.30 -5.17 -16.30
C PRO B 429 18.32 -5.17 -15.17
N LEU B 430 17.86 -4.72 -14.01
CA LEU B 430 18.66 -4.73 -12.79
C LEU B 430 17.74 -5.06 -11.62
N PHE B 431 18.02 -6.18 -10.97
CA PHE B 431 17.20 -6.62 -9.85
C PHE B 431 17.41 -5.70 -8.65
N ASN B 432 16.45 -5.72 -7.73
CA ASN B 432 16.57 -4.94 -6.51
C ASN B 432 17.56 -5.61 -5.57
N ASP B 433 18.82 -5.68 -6.00
CA ASP B 433 19.87 -6.37 -5.26
C ASP B 433 21.19 -5.66 -5.56
N THR B 434 22.29 -6.34 -5.32
CA THR B 434 23.62 -5.74 -5.43
C THR B 434 24.04 -5.64 -6.89
N ILE B 435 25.31 -5.32 -7.11
CA ILE B 435 25.87 -5.22 -8.45
C ILE B 435 26.80 -6.41 -8.65
N TRP B 436 27.29 -6.98 -7.55
CA TRP B 436 28.06 -8.22 -7.63
C TRP B 436 27.14 -9.40 -7.90
N GLU B 437 25.93 -9.37 -7.34
CA GLU B 437 24.96 -10.44 -7.60
C GLU B 437 24.39 -10.34 -9.00
N ASN B 438 24.06 -9.12 -9.44
CA ASN B 438 23.51 -8.94 -10.78
C ASN B 438 24.51 -9.31 -11.86
N VAL B 439 25.81 -9.27 -11.55
CA VAL B 439 26.82 -9.72 -12.51
C VAL B 439 27.16 -11.19 -12.33
N LYS B 440 26.99 -11.73 -11.13
CA LYS B 440 27.09 -13.17 -10.96
C LYS B 440 25.95 -13.88 -11.67
N PHE B 441 24.84 -13.18 -11.86
CA PHE B 441 23.66 -13.69 -12.55
C PHE B 441 24.02 -14.43 -13.83
N GLY B 442 25.06 -13.97 -14.53
CA GLY B 442 25.43 -14.61 -15.78
C GLY B 442 25.74 -16.08 -15.62
N ARG B 443 26.56 -16.42 -14.63
CA ARG B 443 26.89 -17.81 -14.34
C ARG B 443 27.07 -17.93 -12.83
N ILE B 444 25.99 -18.31 -12.13
CA ILE B 444 26.02 -18.47 -10.69
C ILE B 444 27.15 -19.40 -10.27
N ASP B 445 27.45 -20.41 -11.09
CA ASP B 445 28.50 -21.37 -10.77
C ASP B 445 29.87 -20.85 -11.18
N ALA B 446 30.22 -19.66 -10.72
CA ALA B 446 31.47 -19.01 -11.06
C ALA B 446 32.29 -18.73 -9.82
N THR B 447 33.60 -18.55 -10.02
CA THR B 447 34.50 -18.15 -8.96
C THR B 447 34.66 -16.64 -8.98
N ASP B 448 34.74 -16.05 -7.79
CA ASP B 448 34.79 -14.59 -7.68
C ASP B 448 35.94 -14.01 -8.51
N GLU B 449 37.03 -14.76 -8.68
CA GLU B 449 38.13 -14.26 -9.49
C GLU B 449 37.69 -14.08 -10.94
N GLU B 450 36.96 -15.03 -11.49
CA GLU B 450 36.41 -14.87 -12.84
C GLU B 450 35.51 -13.65 -12.91
N VAL B 451 34.67 -13.46 -11.89
CA VAL B 451 33.74 -12.34 -11.87
C VAL B 451 34.50 -11.02 -11.95
N ILE B 452 35.55 -10.88 -11.13
CA ILE B 452 36.29 -9.63 -11.13
C ILE B 452 37.04 -9.45 -12.44
N THR B 453 37.60 -10.54 -12.99
CA THR B 453 38.31 -10.44 -14.25
C THR B 453 37.40 -9.92 -15.35
N VAL B 454 36.18 -10.44 -15.43
CA VAL B 454 35.28 -10.00 -16.49
C VAL B 454 34.74 -8.61 -16.19
N VAL B 455 34.50 -8.29 -14.92
CA VAL B 455 34.06 -6.95 -14.57
C VAL B 455 35.11 -5.92 -14.96
N GLU B 456 36.38 -6.31 -14.94
CA GLU B 456 37.43 -5.40 -15.39
C GLU B 456 37.54 -5.40 -16.92
N LYS B 457 37.38 -6.55 -17.55
CA LYS B 457 37.44 -6.62 -19.01
C LYS B 457 36.35 -5.78 -19.65
N ALA B 458 35.19 -5.69 -19.01
CA ALA B 458 34.08 -4.87 -19.50
C ALA B 458 34.28 -3.40 -19.23
N GLN B 459 35.43 -2.99 -18.72
CA GLN B 459 35.68 -1.60 -18.34
C GLN B 459 34.59 -1.09 -17.40
N LEU B 460 34.43 -1.82 -16.30
CA LEU B 460 33.45 -1.48 -15.28
C LEU B 460 34.06 -1.16 -13.93
N ALA B 461 35.27 -1.66 -13.62
CA ALA B 461 35.91 -1.36 -12.35
C ALA B 461 35.95 0.14 -12.06
N PRO B 462 36.30 1.01 -13.02
CA PRO B 462 36.23 2.45 -12.73
C PRO B 462 34.85 2.92 -12.28
N LEU B 463 33.80 2.16 -12.61
CA LEU B 463 32.44 2.56 -12.28
C LEU B 463 31.89 1.82 -11.06
N ILE B 464 32.54 0.75 -10.63
CA ILE B 464 32.16 0.06 -9.40
C ILE B 464 32.94 0.58 -8.21
N LYS B 465 34.21 0.94 -8.40
CA LYS B 465 34.98 1.52 -7.30
C LYS B 465 34.61 2.98 -7.07
N LYS B 466 34.04 3.65 -8.07
CA LYS B 466 33.58 5.02 -7.91
C LYS B 466 32.37 5.14 -6.98
N LEU B 467 31.70 4.04 -6.69
CA LEU B 467 30.49 4.06 -5.88
C LEU B 467 30.82 3.90 -4.41
N PRO B 468 29.88 4.24 -3.52
CA PRO B 468 30.18 4.22 -2.08
C PRO B 468 30.60 2.85 -1.59
N GLN B 469 29.74 1.85 -1.77
CA GLN B 469 29.99 0.50 -1.27
C GLN B 469 30.62 -0.33 -2.38
N GLY B 470 31.80 -0.89 -2.11
CA GLY B 470 32.50 -1.70 -3.08
C GLY B 470 31.83 -3.03 -3.33
N PHE B 471 31.26 -3.20 -4.52
CA PHE B 471 30.63 -4.46 -4.94
C PHE B 471 29.44 -4.83 -4.06
N ASP B 472 28.89 -3.87 -3.31
CA ASP B 472 27.75 -4.14 -2.46
C ASP B 472 26.71 -3.03 -2.51
N THR B 473 26.79 -2.16 -3.51
CA THR B 473 25.77 -1.14 -3.69
C THR B 473 24.40 -1.79 -3.85
N ILE B 474 23.35 -0.97 -3.77
CA ILE B 474 21.98 -1.42 -3.97
C ILE B 474 21.44 -0.75 -5.21
N VAL B 475 21.19 -1.54 -6.25
CA VAL B 475 20.74 -1.04 -7.54
C VAL B 475 19.27 -1.38 -7.72
N GLY B 476 18.68 -0.81 -8.76
CA GLY B 476 17.28 -1.03 -9.08
C GLY B 476 16.39 0.12 -8.63
N GLU B 477 15.10 -0.04 -8.91
CA GLU B 477 14.12 0.97 -8.54
C GLU B 477 14.22 1.30 -7.06
N ARG B 478 14.26 0.28 -6.21
CA ARG B 478 14.35 0.48 -4.76
C ARG B 478 15.81 0.63 -4.33
N GLY B 479 16.48 1.58 -4.97
CA GLY B 479 17.88 1.83 -4.66
C GLY B 479 18.51 2.74 -5.69
N LEU B 480 19.84 2.70 -5.74
CA LEU B 480 20.59 3.51 -6.67
C LEU B 480 20.12 3.25 -8.10
N MET B 481 20.24 4.28 -8.94
CA MET B 481 19.83 4.20 -10.35
C MET B 481 21.00 4.66 -11.22
N ILE B 482 21.68 3.72 -11.86
CA ILE B 482 22.77 4.04 -12.78
C ILE B 482 22.20 4.29 -14.17
N SER B 483 23.01 4.87 -15.04
CA SER B 483 22.57 5.29 -16.37
C SER B 483 22.78 4.16 -17.37
N GLY B 484 22.63 4.48 -18.66
CA GLY B 484 22.66 3.50 -19.71
C GLY B 484 23.97 2.75 -19.88
N GLY B 485 25.04 3.48 -20.20
CA GLY B 485 26.30 2.84 -20.52
C GLY B 485 26.74 1.83 -19.47
N GLU B 486 26.58 2.18 -18.20
CA GLU B 486 26.91 1.25 -17.12
C GLU B 486 26.09 -0.02 -17.23
N LYS B 487 24.79 0.12 -17.47
CA LYS B 487 23.92 -1.04 -17.60
C LYS B 487 24.36 -1.92 -18.78
N GLN B 488 24.72 -1.28 -19.90
CA GLN B 488 25.12 -2.05 -21.06
C GLN B 488 26.41 -2.82 -20.81
N ARG B 489 27.39 -2.19 -20.18
CA ARG B 489 28.61 -2.92 -19.87
C ARG B 489 28.36 -4.00 -18.83
N LEU B 490 27.37 -3.80 -17.95
CA LEU B 490 27.01 -4.84 -17.00
C LEU B 490 26.44 -6.06 -17.71
N ALA B 491 25.50 -5.84 -18.63
CA ALA B 491 24.96 -6.93 -19.42
C ALA B 491 26.05 -7.61 -20.23
N ILE B 492 26.99 -6.82 -20.76
CA ILE B 492 28.10 -7.40 -21.49
C ILE B 492 28.91 -8.31 -20.59
N ALA B 493 29.14 -7.89 -19.35
CA ALA B 493 29.88 -8.73 -18.41
C ALA B 493 29.13 -10.03 -18.14
N ARG B 494 27.82 -9.94 -17.95
CA ARG B 494 27.01 -11.15 -17.83
C ARG B 494 27.29 -12.10 -18.98
N VAL B 495 27.24 -11.59 -20.20
CA VAL B 495 27.48 -12.44 -21.38
C VAL B 495 28.88 -13.02 -21.32
N LEU B 496 29.88 -12.18 -21.02
CA LEU B 496 31.25 -12.66 -20.91
C LEU B 496 31.32 -13.85 -19.98
N LEU B 497 30.56 -13.80 -18.88
CA LEU B 497 30.52 -14.94 -17.97
C LEU B 497 29.90 -16.15 -18.64
N LYS B 498 28.79 -15.95 -19.35
CA LYS B 498 28.14 -17.08 -20.01
C LYS B 498 29.10 -17.77 -20.98
N ASN B 499 29.88 -17.00 -21.73
CA ASN B 499 30.86 -17.54 -22.67
C ASN B 499 30.20 -18.50 -23.66
N ALA B 500 29.29 -17.94 -24.46
CA ALA B 500 28.55 -18.72 -25.42
C ALA B 500 29.22 -18.68 -26.80
N ARG B 501 28.76 -19.57 -27.68
CA ARG B 501 29.28 -19.65 -29.04
C ARG B 501 28.56 -18.71 -29.99
N ILE B 502 27.30 -18.41 -29.74
CA ILE B 502 26.49 -17.54 -30.58
C ILE B 502 26.00 -16.38 -29.74
N MET B 503 26.18 -15.17 -30.25
CA MET B 503 25.83 -13.95 -29.54
C MET B 503 24.89 -13.09 -30.38
N PHE B 504 23.91 -12.49 -29.73
CA PHE B 504 22.92 -11.62 -30.36
C PHE B 504 22.95 -10.28 -29.65
N PHE B 505 23.47 -9.25 -30.32
CA PHE B 505 23.50 -7.90 -29.75
C PHE B 505 22.23 -7.19 -30.19
N ASP B 506 21.22 -7.22 -29.33
CA ASP B 506 19.90 -6.68 -29.65
C ASP B 506 19.86 -5.21 -29.29
N GLU B 507 20.44 -4.39 -30.16
CA GLU B 507 20.43 -2.93 -30.01
C GLU B 507 21.09 -2.52 -28.70
N ALA B 508 22.34 -2.96 -28.52
CA ALA B 508 23.07 -2.63 -27.31
C ALA B 508 23.18 -1.12 -27.11
N THR B 509 23.27 -0.38 -28.21
CA THR B 509 23.42 1.07 -28.17
C THR B 509 22.25 1.69 -28.93
N SER B 510 21.15 1.93 -28.22
CA SER B 510 19.96 2.54 -28.80
C SER B 510 19.90 4.03 -28.51
N ALA B 511 19.97 4.39 -27.22
CA ALA B 511 19.90 5.79 -26.78
C ALA B 511 21.01 6.01 -25.76
N LEU B 512 22.19 6.41 -26.25
CA LEU B 512 23.33 6.71 -25.39
C LEU B 512 24.09 7.89 -26.00
N ASP B 513 25.25 8.17 -25.44
CA ASP B 513 26.10 9.25 -25.94
C ASP B 513 27.05 8.71 -27.01
N THR B 514 27.54 9.63 -27.84
CA THR B 514 28.44 9.25 -28.93
C THR B 514 29.67 8.52 -28.41
N HIS B 515 30.40 9.15 -27.48
CA HIS B 515 31.63 8.54 -27.00
C HIS B 515 31.35 7.28 -26.19
N THR B 516 30.23 7.23 -25.46
CA THR B 516 29.86 6.00 -24.77
C THR B 516 29.56 4.90 -25.76
N GLU B 517 28.87 5.22 -26.86
CA GLU B 517 28.63 4.24 -27.91
C GLU B 517 29.93 3.71 -28.46
N GLN B 518 30.88 4.62 -28.76
CA GLN B 518 32.16 4.19 -29.30
C GLN B 518 32.92 3.33 -28.31
N ALA B 519 32.83 3.65 -27.03
CA ALA B 519 33.51 2.84 -26.01
C ALA B 519 32.90 1.44 -25.94
N LEU B 520 31.57 1.35 -25.94
CA LEU B 520 30.92 0.06 -25.94
C LEU B 520 31.33 -0.76 -27.16
N LEU B 521 31.35 -0.12 -28.34
CA LEU B 521 31.74 -0.83 -29.55
C LEU B 521 33.19 -1.30 -29.47
N ARG B 522 34.08 -0.47 -28.93
CA ARG B 522 35.47 -0.87 -28.78
C ARG B 522 35.59 -2.07 -27.86
N THR B 523 34.90 -2.04 -26.73
CA THR B 523 34.94 -3.18 -25.81
C THR B 523 34.42 -4.44 -26.48
N ILE B 524 33.30 -4.33 -27.20
CA ILE B 524 32.70 -5.51 -27.82
C ILE B 524 33.64 -6.08 -28.86
N ARG B 525 34.27 -5.23 -29.66
CA ARG B 525 35.17 -5.71 -30.70
C ARG B 525 36.48 -6.21 -30.12
N ASP B 526 36.86 -5.75 -28.93
CA ASP B 526 38.05 -6.29 -28.28
C ASP B 526 37.80 -7.65 -27.66
N ASN B 527 36.59 -7.87 -27.13
CA ASN B 527 36.26 -9.16 -26.52
C ASN B 527 35.71 -10.15 -27.56
N PHE B 528 34.63 -9.78 -28.25
CA PHE B 528 33.96 -10.68 -29.17
C PHE B 528 34.47 -10.45 -30.60
N THR B 529 35.67 -10.95 -30.84
CA THR B 529 36.27 -10.92 -32.17
C THR B 529 36.93 -12.22 -32.57
N SER B 530 37.03 -13.20 -31.68
CA SER B 530 37.65 -14.47 -32.02
C SER B 530 36.92 -15.12 -33.20
N GLY B 531 37.59 -16.09 -33.81
CA GLY B 531 37.02 -16.80 -34.94
C GLY B 531 36.23 -18.03 -34.53
N SER B 532 35.70 -18.01 -33.30
CA SER B 532 34.92 -19.12 -32.78
C SER B 532 33.69 -18.64 -32.03
N ARG B 533 33.16 -17.46 -32.40
CA ARG B 533 31.98 -16.89 -31.75
C ARG B 533 31.11 -16.29 -32.85
N THR B 534 30.08 -17.03 -33.25
CA THR B 534 29.14 -16.54 -34.26
C THR B 534 28.38 -15.34 -33.69
N SER B 535 28.70 -14.15 -34.17
CA SER B 535 28.12 -12.92 -33.68
C SER B 535 27.04 -12.43 -34.64
N VAL B 536 26.01 -11.80 -34.08
CA VAL B 536 24.91 -11.27 -34.86
C VAL B 536 24.41 -9.99 -34.22
N TYR B 537 24.58 -8.87 -34.93
CA TYR B 537 24.20 -7.55 -34.43
C TYR B 537 22.82 -7.20 -34.98
N ILE B 538 21.83 -7.15 -34.11
CA ILE B 538 20.48 -6.68 -34.50
C ILE B 538 20.50 -5.17 -34.24
N ALA B 539 20.99 -4.43 -35.22
CA ALA B 539 21.23 -3.00 -35.09
C ALA B 539 20.46 -2.23 -36.14
N HIS B 540 20.17 -0.97 -35.80
CA HIS B 540 19.53 -0.05 -36.73
C HIS B 540 20.34 1.23 -36.92
N ARG B 541 21.52 1.34 -36.33
CA ARG B 541 22.43 2.46 -36.53
C ARG B 541 23.67 1.91 -37.25
N LEU B 542 23.66 2.00 -38.57
CA LEU B 542 24.73 1.42 -39.38
C LEU B 542 26.09 2.03 -39.08
N ARG B 543 26.14 3.15 -38.36
CA ARG B 543 27.43 3.73 -38.01
C ARG B 543 28.35 2.74 -37.33
N THR B 544 27.80 1.70 -36.72
CA THR B 544 28.59 0.65 -36.08
C THR B 544 28.81 -0.56 -36.98
N ILE B 545 27.94 -0.76 -37.97
CA ILE B 545 28.00 -1.93 -38.85
C ILE B 545 28.86 -1.56 -40.04
N ALA B 546 30.17 -1.76 -39.90
CA ALA B 546 31.11 -1.46 -40.98
C ALA B 546 32.06 -2.61 -41.23
N ASP B 547 32.31 -3.42 -40.21
CA ASP B 547 33.29 -4.50 -40.27
C ASP B 547 32.67 -5.87 -40.44
N ALA B 548 31.34 -5.96 -40.49
CA ALA B 548 30.68 -7.26 -40.56
C ALA B 548 30.94 -7.93 -41.89
N ASP B 549 31.02 -9.26 -41.87
CA ASP B 549 31.26 -10.06 -43.06
C ASP B 549 29.98 -10.37 -43.83
N LYS B 550 28.82 -10.01 -43.29
CA LYS B 550 27.55 -10.22 -43.98
C LYS B 550 26.53 -9.29 -43.37
N ILE B 551 25.98 -8.39 -44.18
CA ILE B 551 24.96 -7.43 -43.75
C ILE B 551 23.66 -7.82 -44.43
N ILE B 552 22.65 -8.17 -43.63
CA ILE B 552 21.37 -8.62 -44.13
C ILE B 552 20.36 -7.50 -43.93
N VAL B 553 19.54 -7.26 -44.95
CA VAL B 553 18.56 -6.18 -44.96
C VAL B 553 17.17 -6.80 -45.07
N LEU B 554 16.27 -6.37 -44.18
CA LEU B 554 14.91 -6.88 -44.13
C LEU B 554 13.94 -5.72 -44.33
N ASP B 555 13.14 -5.82 -45.39
CA ASP B 555 12.12 -4.84 -45.71
C ASP B 555 10.78 -5.54 -45.85
N ASN B 556 9.75 -4.99 -45.21
CA ASN B 556 8.41 -5.58 -45.25
C ASN B 556 8.46 -7.06 -44.87
N GLY B 557 9.28 -7.36 -43.86
CA GLY B 557 9.40 -8.74 -43.41
C GLY B 557 9.92 -9.69 -44.46
N ARG B 558 10.82 -9.23 -45.32
CA ARG B 558 11.43 -10.07 -46.34
C ARG B 558 12.88 -9.68 -46.53
N VAL B 559 13.74 -10.67 -46.71
CA VAL B 559 15.15 -10.41 -46.98
C VAL B 559 15.29 -9.81 -48.37
N ARG B 560 16.17 -8.82 -48.50
CA ARG B 560 16.36 -8.14 -49.78
C ARG B 560 17.72 -8.43 -50.41
N GLU B 561 18.81 -8.21 -49.67
CA GLU B 561 20.13 -8.31 -50.26
C GLU B 561 21.14 -8.60 -49.15
N GLU B 562 22.39 -8.82 -49.57
CA GLU B 562 23.48 -9.11 -48.66
C GLU B 562 24.70 -8.32 -49.12
N GLY B 563 25.84 -8.62 -48.52
CA GLY B 563 27.11 -8.06 -48.94
C GLY B 563 27.72 -7.14 -47.90
N LYS B 564 28.99 -6.84 -48.10
CA LYS B 564 29.75 -5.99 -47.19
C LYS B 564 29.41 -4.51 -47.44
N HIS B 565 29.62 -3.71 -46.39
CA HIS B 565 29.23 -2.31 -46.39
C HIS B 565 29.58 -1.60 -47.69
N LEU B 566 30.88 -1.54 -48.01
CA LEU B 566 31.31 -0.86 -49.23
C LEU B 566 30.82 -1.59 -50.47
N GLU B 567 30.56 -2.90 -50.37
CA GLU B 567 30.15 -3.67 -51.53
C GLU B 567 28.75 -3.27 -52.00
N LEU B 568 27.79 -3.23 -51.07
CA LEU B 568 26.42 -2.90 -51.45
C LEU B 568 26.16 -1.39 -51.46
N LEU B 569 26.91 -0.62 -50.66
CA LEU B 569 26.73 0.83 -50.70
C LEU B 569 27.04 1.37 -52.10
N ALA B 570 27.96 0.73 -52.81
CA ALA B 570 28.24 1.10 -54.19
C ALA B 570 27.27 0.48 -55.18
N MET B 571 26.30 -0.29 -54.71
CA MET B 571 25.35 -0.93 -55.60
C MET B 571 24.17 0.01 -55.89
N PRO B 572 23.71 0.11 -57.14
CA PRO B 572 22.65 1.07 -57.45
C PRO B 572 21.34 0.74 -56.75
N GLY B 573 20.71 1.76 -56.17
CA GLY B 573 19.37 1.65 -55.64
C GLY B 573 19.23 0.89 -54.34
N SER B 574 20.34 0.42 -53.76
CA SER B 574 20.24 -0.35 -52.53
C SER B 574 19.76 0.52 -51.38
N LEU B 575 18.84 -0.03 -50.57
CA LEU B 575 18.38 0.66 -49.38
C LEU B 575 19.55 1.05 -48.48
N TYR B 576 20.65 0.31 -48.55
CA TYR B 576 21.83 0.63 -47.77
C TYR B 576 22.25 2.09 -47.98
N ARG B 577 22.23 2.53 -49.24
CA ARG B 577 22.69 3.89 -49.54
C ARG B 577 21.79 4.93 -48.89
N GLU B 578 20.48 4.81 -49.11
CA GLU B 578 19.54 5.77 -48.53
C GLU B 578 19.66 5.80 -47.02
N LEU B 579 19.68 4.62 -46.39
CA LEU B 579 19.77 4.56 -44.93
C LEU B 579 21.07 5.18 -44.43
N TRP B 580 22.18 4.90 -45.11
CA TRP B 580 23.47 5.42 -44.68
C TRP B 580 23.49 6.94 -44.79
N THR B 581 23.03 7.48 -45.93
CA THR B 581 23.01 8.93 -46.10
C THR B 581 22.11 9.58 -45.04
N ILE B 582 20.94 9.01 -44.79
CA ILE B 582 20.02 9.59 -43.83
C ILE B 582 20.65 9.60 -42.44
N GLN B 583 21.21 8.46 -42.02
CA GLN B 583 21.81 8.40 -40.69
C GLN B 583 23.01 9.33 -40.57
N GLU B 584 23.78 9.48 -41.65
CA GLU B 584 24.95 10.34 -41.61
C GLU B 584 24.54 11.80 -41.45
N ASP B 585 23.59 12.26 -42.26
CA ASP B 585 23.10 13.63 -42.12
C ASP B 585 22.46 13.83 -40.74
N LEU B 586 21.76 12.81 -40.24
CA LEU B 586 21.13 12.92 -38.94
C LEU B 586 22.17 13.09 -37.85
N ASP B 587 23.24 12.30 -37.90
CA ASP B 587 24.29 12.42 -36.90
C ASP B 587 25.01 13.77 -37.01
N HIS B 588 25.22 14.25 -38.24
CA HIS B 588 25.77 15.58 -38.44
C HIS B 588 24.95 16.63 -37.71
N LEU B 589 23.67 16.70 -38.05
CA LEU B 589 22.79 17.68 -37.42
C LEU B 589 22.73 17.49 -35.91
N GLU B 590 22.73 16.23 -35.46
CA GLU B 590 22.64 15.95 -34.03
C GLU B 590 23.84 16.52 -33.29
N ASN B 591 25.05 16.19 -33.72
CA ASN B 591 26.24 16.68 -33.02
C ASN B 591 26.33 18.20 -33.12
N GLU B 592 25.97 18.77 -34.27
CA GLU B 592 26.00 20.23 -34.39
C GLU B 592 25.05 20.88 -33.39
N LEU B 593 23.81 20.37 -33.31
CA LEU B 593 22.85 20.93 -32.37
C LEU B 593 23.26 20.72 -30.93
N LYS B 594 23.94 19.61 -30.63
CA LYS B 594 24.40 19.38 -29.26
C LYS B 594 25.52 20.37 -28.90
N ASP B 595 26.43 20.63 -29.84
CA ASP B 595 27.43 21.67 -29.60
C ASP B 595 26.75 23.02 -29.36
N GLN B 596 25.73 23.33 -30.14
CA GLN B 596 25.02 24.59 -29.93
C GLN B 596 24.38 24.64 -28.55
N GLN B 597 23.74 23.54 -28.13
CA GLN B 597 23.11 23.52 -26.81
C GLN B 597 24.14 23.73 -25.72
N GLU B 598 25.24 22.97 -25.74
CA GLU B 598 26.25 23.15 -24.71
C GLU B 598 26.89 24.52 -24.79
N LEU B 599 26.77 25.21 -25.92
CA LEU B 599 27.13 26.62 -25.97
C LEU B 599 26.19 27.45 -25.11
N TRP B 600 24.88 27.21 -25.24
CA TRP B 600 23.88 27.94 -24.48
C TRP B 600 23.66 27.29 -23.11
#